data_1N37
# 
_entry.id   1N37 
# 
_audit_conform.dict_name       mmcif_pdbx.dic 
_audit_conform.dict_version    5.392 
_audit_conform.dict_location   http://mmcif.pdb.org/dictionaries/ascii/mmcif_pdbx.dic 
# 
loop_
_database_2.database_id 
_database_2.database_code 
_database_2.pdbx_database_accession 
_database_2.pdbx_DOI 
PDB   1N37         pdb_00001n37 10.2210/pdb1n37/pdb 
RCSB  RCSB017461   ?            ?                   
WWPDB D_1000017461 ?            ?                   
# 
loop_
_pdbx_audit_revision_history.ordinal 
_pdbx_audit_revision_history.data_content_type 
_pdbx_audit_revision_history.major_revision 
_pdbx_audit_revision_history.minor_revision 
_pdbx_audit_revision_history.revision_date 
1 'Structure model' 1 0 2003-01-28 
2 'Structure model' 1 1 2008-04-28 
3 'Structure model' 1 2 2011-07-13 
4 'Structure model' 1 3 2022-02-23 
5 'Structure model' 1 4 2024-05-22 
# 
_pdbx_audit_revision_details.ordinal             1 
_pdbx_audit_revision_details.revision_ordinal    1 
_pdbx_audit_revision_details.data_content_type   'Structure model' 
_pdbx_audit_revision_details.provider            repository 
_pdbx_audit_revision_details.type                'Initial release' 
_pdbx_audit_revision_details.description         ? 
_pdbx_audit_revision_details.details             ? 
# 
loop_
_pdbx_audit_revision_group.ordinal 
_pdbx_audit_revision_group.revision_ordinal 
_pdbx_audit_revision_group.data_content_type 
_pdbx_audit_revision_group.group 
1 2 'Structure model' 'Version format compliance' 
2 3 'Structure model' 'Version format compliance' 
3 4 'Structure model' 'Data collection'           
4 4 'Structure model' 'Database references'       
5 4 'Structure model' 'Derived calculations'      
6 5 'Structure model' 'Data collection'           
# 
loop_
_pdbx_audit_revision_category.ordinal 
_pdbx_audit_revision_category.revision_ordinal 
_pdbx_audit_revision_category.data_content_type 
_pdbx_audit_revision_category.category 
1 4 'Structure model' database_2            
2 4 'Structure model' pdbx_nmr_spectrometer 
3 4 'Structure model' pdbx_struct_assembly  
4 4 'Structure model' pdbx_struct_oper_list 
5 4 'Structure model' struct_site           
6 5 'Structure model' chem_comp_atom        
7 5 'Structure model' chem_comp_bond        
# 
loop_
_pdbx_audit_revision_item.ordinal 
_pdbx_audit_revision_item.revision_ordinal 
_pdbx_audit_revision_item.data_content_type 
_pdbx_audit_revision_item.item 
1 4 'Structure model' '_database_2.pdbx_DOI'                
2 4 'Structure model' '_database_2.pdbx_database_accession' 
3 4 'Structure model' '_pdbx_nmr_spectrometer.model'        
4 4 'Structure model' '_struct_site.pdbx_auth_asym_id'      
5 4 'Structure model' '_struct_site.pdbx_auth_comp_id'      
6 4 'Structure model' '_struct_site.pdbx_auth_seq_id'       
# 
_pdbx_database_status.status_code                     REL 
_pdbx_database_status.entry_id                        1N37 
_pdbx_database_status.recvd_initial_deposition_date   2002-10-25 
_pdbx_database_status.deposit_site                    RCSB 
_pdbx_database_status.process_site                    RCSB 
_pdbx_database_status.SG_entry                        . 
_pdbx_database_status.pdb_format_compatible           Y 
_pdbx_database_status.status_code_mr                  ? 
_pdbx_database_status.status_code_sf                  ? 
_pdbx_database_status.status_code_cs                  ? 
_pdbx_database_status.status_code_nmr_data            ? 
_pdbx_database_status.methods_development_category    ? 
# 
loop_
_audit_author.name 
_audit_author.pdbx_ordinal 
'Maynard, A.J.'    1 
'Williams, H.E.L.' 2 
'Searle, M.S.'     3 
# 
_citation.id                        primary 
_citation.title                     
'DNA recognition by the Anthracycline Antibiotic Respinomycin D: NMR Structure of the Intercalation Complex with d(AGACGTCT)2' 
_citation.journal_abbrev            Org.Biomol.Chem. 
_citation.journal_volume            1 
_citation.page_first                60 
_citation.page_last                 66 
_citation.year                      2003 
_citation.journal_id_ASTM           ? 
_citation.country                   UK 
_citation.journal_id_ISSN           1477-0520 
_citation.journal_id_CSD            ? 
_citation.book_publisher            ? 
_citation.pdbx_database_id_PubMed   12929391 
_citation.pdbx_database_id_DOI      10.1039/b208622k 
# 
loop_
_citation_author.citation_id 
_citation_author.name 
_citation_author.ordinal 
_citation_author.identifier_ORCID 
primary 'Searle, M.S.'     1 ? 
primary 'Maynard, A.J.'    2 ? 
primary 'Williams, H.E.L.' 3 ? 
# 
loop_
_entity.id 
_entity.type 
_entity.src_method 
_entity.pdbx_description 
_entity.formula_weight 
_entity.pdbx_number_of_molecules 
_entity.pdbx_ec 
_entity.pdbx_mutation 
_entity.pdbx_fragment 
_entity.details 
1 polymer     syn "5'-D(*AP*GP*AP*CP*GP*TP*CP*T)-3'" 2426.617 2 ? ? ? ? 
2 non-polymer syn 'RESPINOMYCIN D'                   1068.141 1 ? ? ? ? 
# 
_entity_poly.entity_id                      1 
_entity_poly.type                           polydeoxyribonucleotide 
_entity_poly.nstd_linkage                   no 
_entity_poly.nstd_monomer                   no 
_entity_poly.pdbx_seq_one_letter_code       '(DA)(DG)(DA)(DC)(DG)(DT)(DC)(DT)' 
_entity_poly.pdbx_seq_one_letter_code_can   AGACGTCT 
_entity_poly.pdbx_strand_id                 A,B 
_entity_poly.pdbx_target_identifier         ? 
# 
_pdbx_entity_nonpoly.entity_id   2 
_pdbx_entity_nonpoly.name        'RESPINOMYCIN D' 
_pdbx_entity_nonpoly.comp_id     RSD 
# 
loop_
_entity_poly_seq.entity_id 
_entity_poly_seq.num 
_entity_poly_seq.mon_id 
_entity_poly_seq.hetero 
1 1 DA n 
1 2 DG n 
1 3 DA n 
1 4 DC n 
1 5 DG n 
1 6 DT n 
1 7 DC n 
1 8 DT n 
# 
loop_
_chem_comp.id 
_chem_comp.type 
_chem_comp.mon_nstd_flag 
_chem_comp.name 
_chem_comp.pdbx_synonyms 
_chem_comp.formula 
_chem_comp.formula_weight 
DA  'DNA linking' y "2'-DEOXYADENOSINE-5'-MONOPHOSPHATE" ? 'C10 H14 N5 O6 P'  331.222  
DC  'DNA linking' y "2'-DEOXYCYTIDINE-5'-MONOPHOSPHATE"  ? 'C9 H14 N3 O7 P'   307.197  
DG  'DNA linking' y "2'-DEOXYGUANOSINE-5'-MONOPHOSPHATE" ? 'C10 H14 N5 O7 P'  347.221  
DT  'DNA linking' y "THYMIDINE-5'-MONOPHOSPHATE"         ? 'C10 H15 N2 O8 P'  322.208  
RSD non-polymer   . 'RESPINOMYCIN D'                     ? 'C51 H75 N2 O22 1' 1068.141 
# 
loop_
_pdbx_poly_seq_scheme.asym_id 
_pdbx_poly_seq_scheme.entity_id 
_pdbx_poly_seq_scheme.seq_id 
_pdbx_poly_seq_scheme.mon_id 
_pdbx_poly_seq_scheme.ndb_seq_num 
_pdbx_poly_seq_scheme.pdb_seq_num 
_pdbx_poly_seq_scheme.auth_seq_num 
_pdbx_poly_seq_scheme.pdb_mon_id 
_pdbx_poly_seq_scheme.auth_mon_id 
_pdbx_poly_seq_scheme.pdb_strand_id 
_pdbx_poly_seq_scheme.pdb_ins_code 
_pdbx_poly_seq_scheme.hetero 
A 1 1 DA 1 1  1  DA ADE A . n 
A 1 2 DG 2 2  2  DG GUA A . n 
A 1 3 DA 3 3  3  DA ADE A . n 
A 1 4 DC 4 4  4  DC CYT A . n 
A 1 5 DG 5 5  5  DG GUA A . n 
A 1 6 DT 6 6  6  DT THY A . n 
A 1 7 DC 7 7  7  DC CYT A . n 
A 1 8 DT 8 8  8  DT THY A . n 
B 1 1 DA 1 9  9  DA ADE B . n 
B 1 2 DG 2 10 10 DG GUA B . n 
B 1 3 DA 3 11 11 DA ADE B . n 
B 1 4 DC 4 12 12 DC CYT B . n 
B 1 5 DG 5 13 13 DG GUA B . n 
B 1 6 DT 6 14 14 DT THY B . n 
B 1 7 DC 7 15 15 DC CYT B . n 
B 1 8 DT 8 16 16 DT THY B . n 
# 
_pdbx_nonpoly_scheme.asym_id         C 
_pdbx_nonpoly_scheme.entity_id       2 
_pdbx_nonpoly_scheme.mon_id          RSD 
_pdbx_nonpoly_scheme.ndb_seq_num     1 
_pdbx_nonpoly_scheme.pdb_seq_num     17 
_pdbx_nonpoly_scheme.auth_seq_num    17 
_pdbx_nonpoly_scheme.pdb_mon_id      RSD 
_pdbx_nonpoly_scheme.auth_mon_id     RSD 
_pdbx_nonpoly_scheme.pdb_strand_id   B 
_pdbx_nonpoly_scheme.pdb_ins_code    . 
# 
_exptl.entry_id          1N37 
_exptl.method            'SOLUTION NMR' 
_exptl.crystals_number   ? 
# 
_exptl_crystal.id                    1 
_exptl_crystal.density_meas          ? 
_exptl_crystal.density_Matthews      ? 
_exptl_crystal.density_percent_sol   ? 
_exptl_crystal.description           ? 
# 
_diffrn.id                     1 
_diffrn.ambient_temp           ? 
_diffrn.ambient_temp_details   ? 
_diffrn.crystal_id             1 
# 
_diffrn_radiation.diffrn_id                        1 
_diffrn_radiation.wavelength_id                    1 
_diffrn_radiation.pdbx_monochromatic_or_laue_m_l   M 
_diffrn_radiation.monochromator                    ? 
_diffrn_radiation.pdbx_diffrn_protocol             'SINGLE WAVELENGTH' 
_diffrn_radiation.pdbx_scattering_type             ? 
# 
_diffrn_radiation_wavelength.id           1 
_diffrn_radiation_wavelength.wavelength   . 
_diffrn_radiation_wavelength.wt           1.0 
# 
_struct.entry_id                  1N37 
_struct.title                     
'NMR Solution Structure of the Anthracycline Respinomycin D Intercalation Complex with a Double Stranded DNA Molecule (AGACGTCT)2' 
_struct.pdbx_model_details        ? 
_struct.pdbx_CASP_flag            ? 
_struct.pdbx_model_type_details   ? 
# 
_struct_keywords.entry_id        1N37 
_struct_keywords.pdbx_keywords   DNA 
_struct_keywords.text            
'drug-DNA recognition, anthracycline antibiotcs, Respinomycin D, molecular dynamics simulations, NMR spectroscopy, DNA' 
# 
loop_
_struct_asym.id 
_struct_asym.pdbx_blank_PDB_chainid_flag 
_struct_asym.pdbx_modified 
_struct_asym.entity_id 
_struct_asym.details 
A N N 1 ? 
B N N 1 ? 
C N N 2 ? 
# 
_struct_ref.id                         1 
_struct_ref.entity_id                  1 
_struct_ref.db_name                    PDB 
_struct_ref.db_code                    1N37 
_struct_ref.pdbx_db_accession          1N37 
_struct_ref.pdbx_db_isoform            ? 
_struct_ref.pdbx_seq_one_letter_code   ? 
_struct_ref.pdbx_align_begin           ? 
# 
loop_
_struct_ref_seq.align_id 
_struct_ref_seq.ref_id 
_struct_ref_seq.pdbx_PDB_id_code 
_struct_ref_seq.pdbx_strand_id 
_struct_ref_seq.seq_align_beg 
_struct_ref_seq.pdbx_seq_align_beg_ins_code 
_struct_ref_seq.seq_align_end 
_struct_ref_seq.pdbx_seq_align_end_ins_code 
_struct_ref_seq.pdbx_db_accession 
_struct_ref_seq.db_align_beg 
_struct_ref_seq.pdbx_db_align_beg_ins_code 
_struct_ref_seq.db_align_end 
_struct_ref_seq.pdbx_db_align_end_ins_code 
_struct_ref_seq.pdbx_auth_seq_align_beg 
_struct_ref_seq.pdbx_auth_seq_align_end 
1 1 1N37 A 1 ? 8 ? 1N37 1 ? 8  ? 1 8  
2 1 1N37 B 1 ? 8 ? 1N37 9 ? 16 ? 9 16 
# 
_pdbx_struct_assembly.id                   1 
_pdbx_struct_assembly.details              author_defined_assembly 
_pdbx_struct_assembly.method_details       ? 
_pdbx_struct_assembly.oligomeric_details   dimeric 
_pdbx_struct_assembly.oligomeric_count     2 
# 
_pdbx_struct_assembly_gen.assembly_id       1 
_pdbx_struct_assembly_gen.oper_expression   1 
_pdbx_struct_assembly_gen.asym_id_list      A,B,C 
# 
_pdbx_struct_oper_list.id                   1 
_pdbx_struct_oper_list.type                 'identity operation' 
_pdbx_struct_oper_list.name                 1_555 
_pdbx_struct_oper_list.symmetry_operation   x,y,z 
_pdbx_struct_oper_list.matrix[1][1]         1.0000000000 
_pdbx_struct_oper_list.matrix[1][2]         0.0000000000 
_pdbx_struct_oper_list.matrix[1][3]         0.0000000000 
_pdbx_struct_oper_list.vector[1]            0.0000000000 
_pdbx_struct_oper_list.matrix[2][1]         0.0000000000 
_pdbx_struct_oper_list.matrix[2][2]         1.0000000000 
_pdbx_struct_oper_list.matrix[2][3]         0.0000000000 
_pdbx_struct_oper_list.vector[2]            0.0000000000 
_pdbx_struct_oper_list.matrix[3][1]         0.0000000000 
_pdbx_struct_oper_list.matrix[3][2]         0.0000000000 
_pdbx_struct_oper_list.matrix[3][3]         1.0000000000 
_pdbx_struct_oper_list.vector[3]            0.0000000000 
# 
_struct_biol.id   1 
# 
loop_
_struct_conn.id 
_struct_conn.conn_type_id 
_struct_conn.pdbx_leaving_atom_flag 
_struct_conn.pdbx_PDB_id 
_struct_conn.ptnr1_label_asym_id 
_struct_conn.ptnr1_label_comp_id 
_struct_conn.ptnr1_label_seq_id 
_struct_conn.ptnr1_label_atom_id 
_struct_conn.pdbx_ptnr1_label_alt_id 
_struct_conn.pdbx_ptnr1_PDB_ins_code 
_struct_conn.pdbx_ptnr1_standard_comp_id 
_struct_conn.ptnr1_symmetry 
_struct_conn.ptnr2_label_asym_id 
_struct_conn.ptnr2_label_comp_id 
_struct_conn.ptnr2_label_seq_id 
_struct_conn.ptnr2_label_atom_id 
_struct_conn.pdbx_ptnr2_label_alt_id 
_struct_conn.pdbx_ptnr2_PDB_ins_code 
_struct_conn.ptnr1_auth_asym_id 
_struct_conn.ptnr1_auth_comp_id 
_struct_conn.ptnr1_auth_seq_id 
_struct_conn.ptnr2_auth_asym_id 
_struct_conn.ptnr2_auth_comp_id 
_struct_conn.ptnr2_auth_seq_id 
_struct_conn.ptnr2_symmetry 
_struct_conn.pdbx_ptnr3_label_atom_id 
_struct_conn.pdbx_ptnr3_label_seq_id 
_struct_conn.pdbx_ptnr3_label_comp_id 
_struct_conn.pdbx_ptnr3_label_asym_id 
_struct_conn.pdbx_ptnr3_label_alt_id 
_struct_conn.pdbx_ptnr3_PDB_ins_code 
_struct_conn.details 
_struct_conn.pdbx_dist_value 
_struct_conn.pdbx_value_order 
_struct_conn.pdbx_role 
hydrog1  hydrog ? ? A DA 1 N1 ? ? ? 1_555 B DT 8 N3 ? ? A DA 1 B DT 16 1_555 ? ? ? ? ? ? WATSON-CRICK    ? ? ? 
hydrog2  hydrog ? ? A DA 1 N6 ? ? ? 1_555 B DT 8 O4 ? ? A DA 1 B DT 16 1_555 ? ? ? ? ? ? WATSON-CRICK    ? ? ? 
hydrog3  hydrog ? ? A DG 2 N1 ? ? ? 1_555 B DC 7 N3 ? ? A DG 2 B DC 15 1_555 ? ? ? ? ? ? WATSON-CRICK    ? ? ? 
hydrog4  hydrog ? ? A DG 2 N2 ? ? ? 1_555 B DC 7 O2 ? ? A DG 2 B DC 15 1_555 ? ? ? ? ? ? WATSON-CRICK    ? ? ? 
hydrog5  hydrog ? ? A DG 2 O6 ? ? ? 1_555 B DC 7 N4 ? ? A DG 2 B DC 15 1_555 ? ? ? ? ? ? WATSON-CRICK    ? ? ? 
hydrog6  hydrog ? ? A DA 3 N1 ? ? ? 1_555 B DT 6 N3 ? ? A DA 3 B DT 14 1_555 ? ? ? ? ? ? WATSON-CRICK    ? ? ? 
hydrog7  hydrog ? ? A DA 3 N6 ? ? ? 1_555 B DT 6 O4 ? ? A DA 3 B DT 14 1_555 ? ? ? ? ? ? WATSON-CRICK    ? ? ? 
hydrog8  hydrog ? ? A DC 4 N3 ? ? ? 1_555 B DG 5 N1 ? ? A DC 4 B DG 13 1_555 ? ? ? ? ? ? WATSON-CRICK    ? ? ? 
hydrog9  hydrog ? ? A DC 4 N4 ? ? ? 1_555 B DG 5 O6 ? ? A DC 4 B DG 13 1_555 ? ? ? ? ? ? WATSON-CRICK    ? ? ? 
hydrog10 hydrog ? ? A DC 4 O2 ? ? ? 1_555 B DG 5 N2 ? ? A DC 4 B DG 13 1_555 ? ? ? ? ? ? WATSON-CRICK    ? ? ? 
hydrog11 hydrog ? ? A DG 5 N1 ? ? ? 1_555 B DC 4 N3 ? ? A DG 5 B DC 12 1_555 ? ? ? ? ? ? WATSON-CRICK    ? ? ? 
hydrog12 hydrog ? ? A DG 5 N2 ? ? ? 1_555 B DC 4 O2 ? ? A DG 5 B DC 12 1_555 ? ? ? ? ? ? WATSON-CRICK    ? ? ? 
hydrog13 hydrog ? ? A DG 5 O6 ? ? ? 1_555 B DC 4 N4 ? ? A DG 5 B DC 12 1_555 ? ? ? ? ? ? WATSON-CRICK    ? ? ? 
hydrog14 hydrog ? ? A DT 6 N3 ? ? ? 1_555 B DA 3 N1 ? ? A DT 6 B DA 11 1_555 ? ? ? ? ? ? WATSON-CRICK    ? ? ? 
hydrog15 hydrog ? ? A DT 6 O4 ? ? ? 1_555 B DA 3 N6 ? ? A DT 6 B DA 11 1_555 ? ? ? ? ? ? WATSON-CRICK    ? ? ? 
hydrog16 hydrog ? ? A DC 7 N3 ? ? ? 1_555 B DG 2 N1 ? ? A DC 7 B DG 10 1_555 ? ? ? ? ? ? WATSON-CRICK    ? ? ? 
hydrog17 hydrog ? ? A DC 7 N4 ? ? ? 1_555 B DG 2 O6 ? ? A DC 7 B DG 10 1_555 ? ? ? ? ? ? WATSON-CRICK    ? ? ? 
hydrog18 hydrog ? ? A DC 7 O2 ? ? ? 1_555 B DG 2 N2 ? ? A DC 7 B DG 10 1_555 ? ? ? ? ? ? WATSON-CRICK    ? ? ? 
hydrog19 hydrog ? ? A DT 8 O2 ? ? ? 1_555 B DA 1 N6 ? ? A DT 8 B DA 9  1_555 ? ? ? ? ? ? 'DT-DA PAIR'    ? ? ? 
hydrog20 hydrog ? ? A DT 8 O2 ? ? ? 1_555 B DG 2 N1 ? ? A DT 8 B DG 10 1_555 ? ? ? ? ? ? 'DT-DG MISPAIR' ? ? ? 
# 
_struct_conn_type.id          hydrog 
_struct_conn_type.criteria    ? 
_struct_conn_type.reference   ? 
# 
loop_
_struct_site.id 
_struct_site.pdbx_evidence_code 
_struct_site.pdbx_auth_asym_id 
_struct_site.pdbx_auth_comp_id 
_struct_site.pdbx_auth_seq_id 
_struct_site.pdbx_auth_ins_code 
_struct_site.pdbx_num_residues 
_struct_site.details 
AC1 Software B RSD 17 ? 6 'BINDING SITE FOR RESIDUE RSD B 17' 
1   ?        ? ?   ?  ? ? ?                                   
# 
loop_
_struct_site_gen.id 
_struct_site_gen.site_id 
_struct_site_gen.pdbx_num_res 
_struct_site_gen.label_comp_id 
_struct_site_gen.label_asym_id 
_struct_site_gen.label_seq_id 
_struct_site_gen.pdbx_auth_ins_code 
_struct_site_gen.auth_comp_id 
_struct_site_gen.auth_asym_id 
_struct_site_gen.auth_seq_id 
_struct_site_gen.label_atom_id 
_struct_site_gen.label_alt_id 
_struct_site_gen.symmetry 
_struct_site_gen.details 
1 AC1 6 DC A 4 ? DC A 4  . ? 1_555 ? 
2 AC1 6 DG A 5 ? DG A 5  . ? 1_555 ? 
3 AC1 6 DT A 6 ? DT A 6  . ? 1_555 ? 
4 AC1 6 DC B 4 ? DC B 12 . ? 1_555 ? 
5 AC1 6 DG B 5 ? DG B 13 . ? 1_555 ? 
6 AC1 6 DT B 6 ? DT B 14 . ? 1_555 ? 
# 
loop_
_pdbx_validate_rmsd_angle.id 
_pdbx_validate_rmsd_angle.PDB_model_num 
_pdbx_validate_rmsd_angle.auth_atom_id_1 
_pdbx_validate_rmsd_angle.auth_asym_id_1 
_pdbx_validate_rmsd_angle.auth_comp_id_1 
_pdbx_validate_rmsd_angle.auth_seq_id_1 
_pdbx_validate_rmsd_angle.PDB_ins_code_1 
_pdbx_validate_rmsd_angle.label_alt_id_1 
_pdbx_validate_rmsd_angle.auth_atom_id_2 
_pdbx_validate_rmsd_angle.auth_asym_id_2 
_pdbx_validate_rmsd_angle.auth_comp_id_2 
_pdbx_validate_rmsd_angle.auth_seq_id_2 
_pdbx_validate_rmsd_angle.PDB_ins_code_2 
_pdbx_validate_rmsd_angle.label_alt_id_2 
_pdbx_validate_rmsd_angle.auth_atom_id_3 
_pdbx_validate_rmsd_angle.auth_asym_id_3 
_pdbx_validate_rmsd_angle.auth_comp_id_3 
_pdbx_validate_rmsd_angle.auth_seq_id_3 
_pdbx_validate_rmsd_angle.PDB_ins_code_3 
_pdbx_validate_rmsd_angle.label_alt_id_3 
_pdbx_validate_rmsd_angle.angle_value 
_pdbx_validate_rmsd_angle.angle_target_value 
_pdbx_validate_rmsd_angle.angle_deviation 
_pdbx_validate_rmsd_angle.angle_standard_deviation 
_pdbx_validate_rmsd_angle.linker_flag 
1  1 "O4'" A DA 1  ? ? "C1'" A DA 1  ? ? N9 A DA 1  ? ? 110.68 108.30 2.38  0.30 N 
2  1 C4    A DA 1  ? ? C5    A DA 1  ? ? C6 A DA 1  ? ? 113.26 117.00 -3.74 0.50 N 
3  1 C5    A DA 1  ? ? C6    A DA 1  ? ? N1 A DA 1  ? ? 120.98 117.70 3.28  0.50 N 
4  1 N1    A DA 1  ? ? C6    A DA 1  ? ? N6 A DA 1  ? ? 112.50 118.60 -6.10 0.60 N 
5  1 "O4'" A DA 3  ? ? "C1'" A DA 3  ? ? N9 A DA 3  ? ? 110.92 108.30 2.62  0.30 N 
6  1 C5    A DA 3  ? ? C6    A DA 3  ? ? N1 A DA 3  ? ? 121.09 117.70 3.39  0.50 N 
7  1 N1    A DA 3  ? ? C6    A DA 3  ? ? N6 A DA 3  ? ? 114.19 118.60 -4.41 0.60 N 
8  1 N3    A DC 4  ? ? C2    A DC 4  ? ? O2 A DC 4  ? ? 117.20 121.90 -4.70 0.70 N 
9  1 "O4'" A DG 5  ? ? "C1'" A DG 5  ? ? N9 A DG 5  ? ? 111.13 108.30 2.83  0.30 N 
10 1 "O4'" A DT 6  ? ? "C1'" A DT 6  ? ? N1 A DT 6  ? ? 112.52 108.30 4.22  0.30 N 
11 1 C6    A DT 6  ? ? C5    A DT 6  ? ? C7 A DT 6  ? ? 117.36 122.90 -5.54 0.60 N 
12 1 N1    A DC 7  ? ? C2    A DC 7  ? ? O2 A DC 7  ? ? 122.81 118.90 3.91  0.60 N 
13 1 N3    A DC 7  ? ? C2    A DC 7  ? ? O2 A DC 7  ? ? 116.24 121.90 -5.66 0.70 N 
14 1 "O4'" A DT 8  ? ? "C1'" A DT 8  ? ? N1 A DT 8  ? ? 110.69 108.30 2.39  0.30 N 
15 1 C6    A DT 8  ? ? C5    A DT 8  ? ? C7 A DT 8  ? ? 118.38 122.90 -4.52 0.60 N 
16 1 C4    B DA 9  ? ? C5    B DA 9  ? ? C6 B DA 9  ? ? 113.50 117.00 -3.50 0.50 N 
17 1 C5    B DA 9  ? ? C6    B DA 9  ? ? N1 B DA 9  ? ? 121.46 117.70 3.76  0.50 N 
18 1 N1    B DA 9  ? ? C6    B DA 9  ? ? N6 B DA 9  ? ? 113.09 118.60 -5.51 0.60 N 
19 1 "O4'" B DG 10 ? ? "C1'" B DG 10 ? ? N9 B DG 10 ? ? 114.21 108.30 5.91  0.30 N 
20 1 C4    B DA 11 ? ? C5    B DA 11 ? ? C6 B DA 11 ? ? 113.30 117.00 -3.70 0.50 N 
21 1 C5    B DA 11 ? ? C6    B DA 11 ? ? N1 B DA 11 ? ? 121.22 117.70 3.52  0.50 N 
22 1 N1    B DA 11 ? ? C6    B DA 11 ? ? N6 B DA 11 ? ? 112.63 118.60 -5.97 0.60 N 
23 1 N3    B DC 12 ? ? C2    B DC 12 ? ? O2 B DC 12 ? ? 117.09 121.90 -4.81 0.70 N 
24 1 "O4'" B DG 13 ? ? "C1'" B DG 13 ? ? N9 B DG 13 ? ? 111.98 108.30 3.68  0.30 N 
25 1 C6    B DT 14 ? ? C5    B DT 14 ? ? C7 B DT 14 ? ? 119.03 122.90 -3.87 0.60 N 
26 1 N3    B DC 15 ? ? C2    B DC 15 ? ? O2 B DC 15 ? ? 117.08 121.90 -4.82 0.70 N 
27 1 "O4'" B DT 16 ? ? "C1'" B DT 16 ? ? N1 B DT 16 ? ? 110.19 108.30 1.89  0.30 N 
# 
loop_
_pdbx_validate_chiral.id 
_pdbx_validate_chiral.PDB_model_num 
_pdbx_validate_chiral.auth_atom_id 
_pdbx_validate_chiral.label_alt_id 
_pdbx_validate_chiral.auth_asym_id 
_pdbx_validate_chiral.auth_comp_id 
_pdbx_validate_chiral.auth_seq_id 
_pdbx_validate_chiral.PDB_ins_code 
_pdbx_validate_chiral.details 
_pdbx_validate_chiral.omega 
1 1 C19 ? B RSD 17 ? PLANAR . 
2 1 C21 ? B RSD 17 ? PLANAR . 
3 1 C28 ? B RSD 17 ? PLANAR . 
# 
loop_
_pdbx_validate_planes.id 
_pdbx_validate_planes.PDB_model_num 
_pdbx_validate_planes.auth_comp_id 
_pdbx_validate_planes.auth_asym_id 
_pdbx_validate_planes.auth_seq_id 
_pdbx_validate_planes.PDB_ins_code 
_pdbx_validate_planes.label_alt_id 
_pdbx_validate_planes.rmsd 
_pdbx_validate_planes.type 
1 1 DG B 10 ? ? 0.073 'SIDE CHAIN' 
2 1 DA B 11 ? ? 0.080 'SIDE CHAIN' 
# 
_struct_site_keywords.site_id   1 
_struct_site_keywords.text      INTERCALATION 
# 
_pdbx_nmr_ensemble.entry_id                                      1N37 
_pdbx_nmr_ensemble.conformers_calculated_total_number            ? 
_pdbx_nmr_ensemble.conformers_submitted_total_number             1 
_pdbx_nmr_ensemble.conformer_selection_criteria                  ? 
_pdbx_nmr_ensemble.average_constraints_per_residue               ? 
_pdbx_nmr_ensemble.average_constraint_violations_per_residue     ? 
_pdbx_nmr_ensemble.maximum_distance_constraint_violation         ? 
_pdbx_nmr_ensemble.average_distance_constraint_violation         ? 
_pdbx_nmr_ensemble.maximum_upper_distance_constraint_violation   ? 
_pdbx_nmr_ensemble.maximum_lower_distance_constraint_violation   ? 
_pdbx_nmr_ensemble.distance_constraint_violation_method          ? 
_pdbx_nmr_ensemble.maximum_torsion_angle_constraint_violation    ? 
_pdbx_nmr_ensemble.average_torsion_angle_constraint_violation    ? 
_pdbx_nmr_ensemble.torsion_angle_constraint_violation_method     ? 
# 
_pdbx_nmr_representative.entry_id             1N37 
_pdbx_nmr_representative.conformer_id         1 
_pdbx_nmr_representative.selection_criteria   ? 
# 
_pdbx_nmr_sample_details.solution_id      1 
_pdbx_nmr_sample_details.contents         'Respinomycin D, D(AGACGTCT)2, TSP, NaN3, Na-ETDA' 
_pdbx_nmr_sample_details.solvent_system   D2O 
# 
_pdbx_nmr_exptl_sample_conditions.conditions_id       1 
_pdbx_nmr_exptl_sample_conditions.temperature         298 
_pdbx_nmr_exptl_sample_conditions.pressure            1 
_pdbx_nmr_exptl_sample_conditions.pH                  7 
_pdbx_nmr_exptl_sample_conditions.ionic_strength      '100mM NaCl 10mM Na2HPO4' 
_pdbx_nmr_exptl_sample_conditions.pressure_units      atm 
_pdbx_nmr_exptl_sample_conditions.temperature_units   K 
# 
loop_
_pdbx_nmr_exptl.experiment_id 
_pdbx_nmr_exptl.solution_id 
_pdbx_nmr_exptl.conditions_id 
_pdbx_nmr_exptl.type 
1 1 1 '2D NOESY' 
2 1 1 '2D TOCSY' 
3 1 1 DQF-COSY   
# 
_pdbx_nmr_refine.entry_id           1N37 
_pdbx_nmr_refine.method             'molecular dynamics' 
_pdbx_nmr_refine.details            'Sample was subjected to 500ps of restrained molecular dynamics. Using the AMBER94 Force Field' 
_pdbx_nmr_refine.software_ordinal   1 
# 
loop_
_pdbx_nmr_software.name 
_pdbx_nmr_software.version 
_pdbx_nmr_software.classification 
_pdbx_nmr_software.authors 
_pdbx_nmr_software.ordinal 
'SANDER(AMBER)' 4.1 'structure solution' PEARLMAN,CASE,CALDWELL,ROSS,CHEATHAM,FERGUSON,SEIBEL,SINGH,WEINER,KOLLMAN 1 
'SANDER(AMBER)' 4.1 refinement           PEARLMAN,CASE,CALDWELL,ROSS,CHEATHAM,FERGUSON,SEIBEL,SINGH,WEINER,KOLLMAN 2 
# 
loop_
_chem_comp_atom.comp_id 
_chem_comp_atom.atom_id 
_chem_comp_atom.type_symbol 
_chem_comp_atom.pdbx_aromatic_flag 
_chem_comp_atom.pdbx_stereo_config 
_chem_comp_atom.pdbx_ordinal 
DA  OP3    O N N 1   
DA  P      P N N 2   
DA  OP1    O N N 3   
DA  OP2    O N N 4   
DA  "O5'"  O N N 5   
DA  "C5'"  C N N 6   
DA  "C4'"  C N R 7   
DA  "O4'"  O N N 8   
DA  "C3'"  C N S 9   
DA  "O3'"  O N N 10  
DA  "C2'"  C N N 11  
DA  "C1'"  C N R 12  
DA  N9     N Y N 13  
DA  C8     C Y N 14  
DA  N7     N Y N 15  
DA  C5     C Y N 16  
DA  C6     C Y N 17  
DA  N6     N N N 18  
DA  N1     N Y N 19  
DA  C2     C Y N 20  
DA  N3     N Y N 21  
DA  C4     C Y N 22  
DA  HOP3   H N N 23  
DA  HOP2   H N N 24  
DA  "H5'"  H N N 25  
DA  "H5''" H N N 26  
DA  "H4'"  H N N 27  
DA  "H3'"  H N N 28  
DA  "HO3'" H N N 29  
DA  "H2'"  H N N 30  
DA  "H2''" H N N 31  
DA  "H1'"  H N N 32  
DA  H8     H N N 33  
DA  H61    H N N 34  
DA  H62    H N N 35  
DA  H2     H N N 36  
DC  OP3    O N N 37  
DC  P      P N N 38  
DC  OP1    O N N 39  
DC  OP2    O N N 40  
DC  "O5'"  O N N 41  
DC  "C5'"  C N N 42  
DC  "C4'"  C N R 43  
DC  "O4'"  O N N 44  
DC  "C3'"  C N S 45  
DC  "O3'"  O N N 46  
DC  "C2'"  C N N 47  
DC  "C1'"  C N R 48  
DC  N1     N N N 49  
DC  C2     C N N 50  
DC  O2     O N N 51  
DC  N3     N N N 52  
DC  C4     C N N 53  
DC  N4     N N N 54  
DC  C5     C N N 55  
DC  C6     C N N 56  
DC  HOP3   H N N 57  
DC  HOP2   H N N 58  
DC  "H5'"  H N N 59  
DC  "H5''" H N N 60  
DC  "H4'"  H N N 61  
DC  "H3'"  H N N 62  
DC  "HO3'" H N N 63  
DC  "H2'"  H N N 64  
DC  "H2''" H N N 65  
DC  "H1'"  H N N 66  
DC  H41    H N N 67  
DC  H42    H N N 68  
DC  H5     H N N 69  
DC  H6     H N N 70  
DG  OP3    O N N 71  
DG  P      P N N 72  
DG  OP1    O N N 73  
DG  OP2    O N N 74  
DG  "O5'"  O N N 75  
DG  "C5'"  C N N 76  
DG  "C4'"  C N R 77  
DG  "O4'"  O N N 78  
DG  "C3'"  C N S 79  
DG  "O3'"  O N N 80  
DG  "C2'"  C N N 81  
DG  "C1'"  C N R 82  
DG  N9     N Y N 83  
DG  C8     C Y N 84  
DG  N7     N Y N 85  
DG  C5     C Y N 86  
DG  C6     C N N 87  
DG  O6     O N N 88  
DG  N1     N N N 89  
DG  C2     C N N 90  
DG  N2     N N N 91  
DG  N3     N N N 92  
DG  C4     C Y N 93  
DG  HOP3   H N N 94  
DG  HOP2   H N N 95  
DG  "H5'"  H N N 96  
DG  "H5''" H N N 97  
DG  "H4'"  H N N 98  
DG  "H3'"  H N N 99  
DG  "HO3'" H N N 100 
DG  "H2'"  H N N 101 
DG  "H2''" H N N 102 
DG  "H1'"  H N N 103 
DG  H8     H N N 104 
DG  H1     H N N 105 
DG  H21    H N N 106 
DG  H22    H N N 107 
DT  OP3    O N N 108 
DT  P      P N N 109 
DT  OP1    O N N 110 
DT  OP2    O N N 111 
DT  "O5'"  O N N 112 
DT  "C5'"  C N N 113 
DT  "C4'"  C N R 114 
DT  "O4'"  O N N 115 
DT  "C3'"  C N S 116 
DT  "O3'"  O N N 117 
DT  "C2'"  C N N 118 
DT  "C1'"  C N R 119 
DT  N1     N N N 120 
DT  C2     C N N 121 
DT  O2     O N N 122 
DT  N3     N N N 123 
DT  C4     C N N 124 
DT  O4     O N N 125 
DT  C5     C N N 126 
DT  C7     C N N 127 
DT  C6     C N N 128 
DT  HOP3   H N N 129 
DT  HOP2   H N N 130 
DT  "H5'"  H N N 131 
DT  "H5''" H N N 132 
DT  "H4'"  H N N 133 
DT  "H3'"  H N N 134 
DT  "HO3'" H N N 135 
DT  "H2'"  H N N 136 
DT  "H2''" H N N 137 
DT  "H1'"  H N N 138 
DT  H3     H N N 139 
DT  H71    H N N 140 
DT  H72    H N N 141 
DT  H73    H N N 142 
DT  H6     H N N 143 
RSD O7     O N N 144 
RSD O1     O N N 145 
RSD O4     O N N 146 
RSD O5     O N N 147 
RSD O2     O N N 148 
RSD O12    O N N 149 
RSD O9     O N N 150 
RSD O52    O N N 151 
RSD O53    O N N 152 
RSD O16    O N N 153 
RSD O24    O N N 154 
RSD O22    O N N 155 
RSD O28    O N N 156 
RSD O23    O N N 157 
RSD O35    O N N 158 
RSD O36    O N N 159 
RSD O33    O N N 160 
RSD O50    O N N 161 
RSD O44    O N N 162 
RSD O47    O N N 163 
RSD O45    O N N 164 
RSD O31    O N N 165 
RSD N10    N N N 166 
RSD N39    N N N 167 
RSD C1     C N R 168 
RSD C2     C N S 169 
RSD C3     C N N 170 
RSD C4     C N S 171 
RSD C5     C N S 172 
RSD C6     C N N 173 
RSD C7     C N R 174 
RSD C8     C N N 175 
RSD C9     C N S 176 
RSD C10    C N S 177 
RSD C11    C N N 178 
RSD C12    C N S 179 
RSD C13    C N N 180 
RSD C14    C N R 181 
RSD C15    C N N 182 
RSD C16    C N N 183 
RSD C17    C N N 184 
RSD C18    C N N 185 
RSD C19    C N S 186 
RSD C20    C N N 187 
RSD C21    C N R 188 
RSD C22    C N N 189 
RSD C23    C N R 190 
RSD C24    C N N 191 
RSD C25    C N N 192 
RSD C26    C N N 193 
RSD C27    C N N 194 
RSD C28    C N R 195 
RSD C29    C N N 196 
RSD C30    C N N 197 
RSD C31    C N R 198 
RSD C32    C N R 199 
RSD C33    C N S 200 
RSD C34    C N N 201 
RSD C35    C N S 202 
RSD C36    C N S 203 
RSD C37    C N N 204 
RSD C38    C N N 205 
RSD C39    C N S 206 
RSD C40    C N S 207 
RSD C41    C N N 208 
RSD C42    C N N 209 
RSD C43    C N N 210 
RSD C44    C N R 211 
RSD C45    C N S 212 
RSD C46    C N N 213 
RSD C47    C N S 214 
RSD C48    C N S 215 
RSD C49    C N N 216 
RSD C50    C N R 217 
RSD C51    C N N 218 
RSD H1     H N N 219 
RSD H42    H N N 220 
RSD H28    H N N 221 
RSD H36    H N N 222 
RSD H332   H N N 223 
RSD H44    H N N 224 
RSD H472   H N N 225 
RSD H392   H N N 226 
RSD H2     H N N 227 
RSD H31A   H N N 228 
RSD H32A   H N N 229 
RSD H33    H N N 230 
RSD H41    H N N 231 
RSD H5     H N N 232 
RSD H61    H N N 233 
RSD H62    H N N 234 
RSD H63    H N N 235 
RSD H7     H N N 236 
RSD H81    H N N 237 
RSD H82    H N N 238 
RSD H83    H N N 239 
RSD H9     H N N 240 
RSD H112   H N N 241 
RSD H111   H N N 242 
RSD H12    H N N 243 
RSD H131   H N N 244 
RSD H132   H N N 245 
RSD H133   H N N 246 
RSD H14    H N N 247 
RSD H151   H N N 248 
RSD H152   H N N 249 
RSD H153   H N N 250 
RSD H17    H N N 251 
RSD H119   H N N 252 
RSD H20    H N N 253 
RSD H221   H N N 254 
RSD H228   H N N 255 
RSD H30    H N N 256 
RSD H301   H N N 257 
RSD H31    H N N 258 
RSD H32    H N N 259 
RSD H331   H N N 260 
RSD H341   H N N 261 
RSD H342   H N N 262 
RSD H343   H N N 263 
RSD H35    H N N 264 
RSD H371   H N N 265 
RSD H372   H N N 266 
RSD H381   H N N 267 
RSD H382   H N N 268 
RSD H383   H N N 269 
RSD H391   H N N 270 
RSD H40    H N N 271 
RSD H411   H N N 272 
RSD H412   H N N 273 
RSD H413   H N N 274 
RSD H421   H N N 275 
RSD H422   H N N 276 
RSD H423   H N N 277 
RSD H431   H N N 278 
RSD H432   H N N 279 
RSD H433   H N N 280 
RSD H45    H N N 281 
RSD H461   H N N 282 
RSD H462   H N N 283 
RSD H463   H N N 284 
RSD H471   H N N 285 
RSD H48    H N N 286 
RSD H491   H N N 287 
RSD H492   H N N 288 
RSD H493   H N N 289 
RSD H50    H N N 290 
RSD H511   H N N 291 
RSD H512   H N N 292 
RSD H513   H N N 293 
# 
loop_
_chem_comp_bond.comp_id 
_chem_comp_bond.atom_id_1 
_chem_comp_bond.atom_id_2 
_chem_comp_bond.value_order 
_chem_comp_bond.pdbx_aromatic_flag 
_chem_comp_bond.pdbx_stereo_config 
_chem_comp_bond.pdbx_ordinal 
DA  OP3   P      sing N N 1   
DA  OP3   HOP3   sing N N 2   
DA  P     OP1    doub N N 3   
DA  P     OP2    sing N N 4   
DA  P     "O5'"  sing N N 5   
DA  OP2   HOP2   sing N N 6   
DA  "O5'" "C5'"  sing N N 7   
DA  "C5'" "C4'"  sing N N 8   
DA  "C5'" "H5'"  sing N N 9   
DA  "C5'" "H5''" sing N N 10  
DA  "C4'" "O4'"  sing N N 11  
DA  "C4'" "C3'"  sing N N 12  
DA  "C4'" "H4'"  sing N N 13  
DA  "O4'" "C1'"  sing N N 14  
DA  "C3'" "O3'"  sing N N 15  
DA  "C3'" "C2'"  sing N N 16  
DA  "C3'" "H3'"  sing N N 17  
DA  "O3'" "HO3'" sing N N 18  
DA  "C2'" "C1'"  sing N N 19  
DA  "C2'" "H2'"  sing N N 20  
DA  "C2'" "H2''" sing N N 21  
DA  "C1'" N9     sing N N 22  
DA  "C1'" "H1'"  sing N N 23  
DA  N9    C8     sing Y N 24  
DA  N9    C4     sing Y N 25  
DA  C8    N7     doub Y N 26  
DA  C8    H8     sing N N 27  
DA  N7    C5     sing Y N 28  
DA  C5    C6     sing Y N 29  
DA  C5    C4     doub Y N 30  
DA  C6    N6     sing N N 31  
DA  C6    N1     doub Y N 32  
DA  N6    H61    sing N N 33  
DA  N6    H62    sing N N 34  
DA  N1    C2     sing Y N 35  
DA  C2    N3     doub Y N 36  
DA  C2    H2     sing N N 37  
DA  N3    C4     sing Y N 38  
DC  OP3   P      sing N N 39  
DC  OP3   HOP3   sing N N 40  
DC  P     OP1    doub N N 41  
DC  P     OP2    sing N N 42  
DC  P     "O5'"  sing N N 43  
DC  OP2   HOP2   sing N N 44  
DC  "O5'" "C5'"  sing N N 45  
DC  "C5'" "C4'"  sing N N 46  
DC  "C5'" "H5'"  sing N N 47  
DC  "C5'" "H5''" sing N N 48  
DC  "C4'" "O4'"  sing N N 49  
DC  "C4'" "C3'"  sing N N 50  
DC  "C4'" "H4'"  sing N N 51  
DC  "O4'" "C1'"  sing N N 52  
DC  "C3'" "O3'"  sing N N 53  
DC  "C3'" "C2'"  sing N N 54  
DC  "C3'" "H3'"  sing N N 55  
DC  "O3'" "HO3'" sing N N 56  
DC  "C2'" "C1'"  sing N N 57  
DC  "C2'" "H2'"  sing N N 58  
DC  "C2'" "H2''" sing N N 59  
DC  "C1'" N1     sing N N 60  
DC  "C1'" "H1'"  sing N N 61  
DC  N1    C2     sing N N 62  
DC  N1    C6     sing N N 63  
DC  C2    O2     doub N N 64  
DC  C2    N3     sing N N 65  
DC  N3    C4     doub N N 66  
DC  C4    N4     sing N N 67  
DC  C4    C5     sing N N 68  
DC  N4    H41    sing N N 69  
DC  N4    H42    sing N N 70  
DC  C5    C6     doub N N 71  
DC  C5    H5     sing N N 72  
DC  C6    H6     sing N N 73  
DG  OP3   P      sing N N 74  
DG  OP3   HOP3   sing N N 75  
DG  P     OP1    doub N N 76  
DG  P     OP2    sing N N 77  
DG  P     "O5'"  sing N N 78  
DG  OP2   HOP2   sing N N 79  
DG  "O5'" "C5'"  sing N N 80  
DG  "C5'" "C4'"  sing N N 81  
DG  "C5'" "H5'"  sing N N 82  
DG  "C5'" "H5''" sing N N 83  
DG  "C4'" "O4'"  sing N N 84  
DG  "C4'" "C3'"  sing N N 85  
DG  "C4'" "H4'"  sing N N 86  
DG  "O4'" "C1'"  sing N N 87  
DG  "C3'" "O3'"  sing N N 88  
DG  "C3'" "C2'"  sing N N 89  
DG  "C3'" "H3'"  sing N N 90  
DG  "O3'" "HO3'" sing N N 91  
DG  "C2'" "C1'"  sing N N 92  
DG  "C2'" "H2'"  sing N N 93  
DG  "C2'" "H2''" sing N N 94  
DG  "C1'" N9     sing N N 95  
DG  "C1'" "H1'"  sing N N 96  
DG  N9    C8     sing Y N 97  
DG  N9    C4     sing Y N 98  
DG  C8    N7     doub Y N 99  
DG  C8    H8     sing N N 100 
DG  N7    C5     sing Y N 101 
DG  C5    C6     sing N N 102 
DG  C5    C4     doub Y N 103 
DG  C6    O6     doub N N 104 
DG  C6    N1     sing N N 105 
DG  N1    C2     sing N N 106 
DG  N1    H1     sing N N 107 
DG  C2    N2     sing N N 108 
DG  C2    N3     doub N N 109 
DG  N2    H21    sing N N 110 
DG  N2    H22    sing N N 111 
DG  N3    C4     sing N N 112 
DT  OP3   P      sing N N 113 
DT  OP3   HOP3   sing N N 114 
DT  P     OP1    doub N N 115 
DT  P     OP2    sing N N 116 
DT  P     "O5'"  sing N N 117 
DT  OP2   HOP2   sing N N 118 
DT  "O5'" "C5'"  sing N N 119 
DT  "C5'" "C4'"  sing N N 120 
DT  "C5'" "H5'"  sing N N 121 
DT  "C5'" "H5''" sing N N 122 
DT  "C4'" "O4'"  sing N N 123 
DT  "C4'" "C3'"  sing N N 124 
DT  "C4'" "H4'"  sing N N 125 
DT  "O4'" "C1'"  sing N N 126 
DT  "C3'" "O3'"  sing N N 127 
DT  "C3'" "C2'"  sing N N 128 
DT  "C3'" "H3'"  sing N N 129 
DT  "O3'" "HO3'" sing N N 130 
DT  "C2'" "C1'"  sing N N 131 
DT  "C2'" "H2'"  sing N N 132 
DT  "C2'" "H2''" sing N N 133 
DT  "C1'" N1     sing N N 134 
DT  "C1'" "H1'"  sing N N 135 
DT  N1    C2     sing N N 136 
DT  N1    C6     sing N N 137 
DT  C2    O2     doub N N 138 
DT  C2    N3     sing N N 139 
DT  N3    C4     sing N N 140 
DT  N3    H3     sing N N 141 
DT  C4    O4     doub N N 142 
DT  C4    C5     sing N N 143 
DT  C5    C7     sing N N 144 
DT  C5    C6     doub N N 145 
DT  C7    H71    sing N N 146 
DT  C7    H72    sing N N 147 
DT  C7    H73    sing N N 148 
DT  C6    H6     sing N N 149 
RSD O7    C7     sing N N 150 
RSD O7    C8     sing N N 151 
RSD O1    C1     sing N N 152 
RSD O1    H1     sing N N 153 
RSD O4    C4     sing N N 154 
RSD O4    H42    sing N N 155 
RSD O5    C2     sing N N 156 
RSD O5    C5     sing N N 157 
RSD O2    C2     sing N N 158 
RSD O2    C9     sing N N 159 
RSD O12   C12    sing N N 160 
RSD O12   C14    sing N N 161 
RSD O9    C12    sing N N 162 
RSD O9    C40    sing N N 163 
RSD O52   N10    doub N N 164 
RSD O53   N10    sing N N 165 
RSD O16   C16    sing N N 166 
RSD O16   C32    sing N N 167 
RSD O24   C24    doub N N 168 
RSD O22   C22    doub N N 169 
RSD O28   C28    sing N N 170 
RSD O28   H28    sing N N 171 
RSD O23   C23    sing N N 172 
RSD O23   C32    sing N N 173 
RSD O35   C35    sing N N 174 
RSD O35   C41    sing N N 175 
RSD O36   C36    sing N N 176 
RSD O36   H36    sing N N 177 
RSD O33   C33    sing N N 178 
RSD O33   H332   sing N N 179 
RSD O50   C50    sing N N 180 
RSD O50   C51    sing N N 181 
RSD O44   C44    sing N N 182 
RSD O44   H44    sing N N 183 
RSD O47   C47    sing N N 184 
RSD O47   H472   sing N N 185 
RSD O45   C45    sing N N 186 
RSD O45   C48    sing N N 187 
RSD O31   C31    sing N N 188 
RSD O31   C45    sing N N 189 
RSD N10   C10    sing N N 190 
RSD N39   C39    sing N N 191 
RSD N39   C42    sing N N 192 
RSD N39   C43    sing N N 193 
RSD N39   H392   sing N N 194 
RSD C1    C3     sing N N 195 
RSD C1    C4     sing N N 196 
RSD C1    C7     sing N N 197 
RSD C2    C7     sing N N 198 
RSD C2    H2     sing N N 199 
RSD C3    H31A   sing N N 200 
RSD C3    H32A   sing N N 201 
RSD C3    H33    sing N N 202 
RSD C4    C5     sing N N 203 
RSD C4    H41    sing N N 204 
RSD C5    C6     sing N N 205 
RSD C5    H5     sing N N 206 
RSD C6    H61    sing N N 207 
RSD C6    H62    sing N N 208 
RSD C6    H63    sing N N 209 
RSD C7    H7     sing N N 210 
RSD C8    H81    sing N N 211 
RSD C8    H82    sing N N 212 
RSD C8    H83    sing N N 213 
RSD C9    C10    sing N N 214 
RSD C9    C14    sing N N 215 
RSD C9    H9     sing N N 216 
RSD C10   C11    sing N N 217 
RSD C10   C13    sing N N 218 
RSD C11   C12    sing N N 219 
RSD C11   H112   sing N N 220 
RSD C11   H111   sing N N 221 
RSD C12   H12    sing N N 222 
RSD C13   H131   sing N N 223 
RSD C13   H132   sing N N 224 
RSD C13   H133   sing N N 225 
RSD C14   C15    sing N N 226 
RSD C14   H14    sing N N 227 
RSD C15   H151   sing N N 228 
RSD C15   H152   sing N N 229 
RSD C15   H153   sing N N 230 
RSD C16   C18    doub N N 231 
RSD C16   C19    sing N N 232 
RSD C17   C20    doub N N 233 
RSD C17   C21    sing N N 234 
RSD C17   H17    sing N N 235 
RSD C18   C21    sing N N 236 
RSD C18   C22    sing N N 237 
RSD C19   C20    sing N N 238 
RSD C19   C23    sing N N 239 
RSD C19   H119   sing N N 240 
RSD C20   H20    sing N N 241 
RSD C21   C24    sing N N 242 
RSD C21   H221   sing N N 243 
RSD C22   C25    sing N N 244 
RSD C23   C34    sing N N 245 
RSD C23   C40    sing N N 246 
RSD C24   C27    sing N N 247 
RSD C25   C27    doub N N 248 
RSD C25   C28    sing N N 249 
RSD C26   C29    doub N N 250 
RSD C26   C30    sing N N 251 
RSD C26   C37    sing N N 252 
RSD C27   C30    sing N N 253 
RSD C28   C29    sing N N 254 
RSD C28   H228   sing N N 255 
RSD C29   C31    sing N N 256 
RSD C30   H30    sing N N 257 
RSD C30   H301   sing N N 258 
RSD C31   C35    sing N N 259 
RSD C31   H31    sing N N 260 
RSD C32   C33    sing N N 261 
RSD C32   H32    sing N N 262 
RSD C33   C39    sing N N 263 
RSD C33   H331   sing N N 264 
RSD C34   H341   sing N N 265 
RSD C34   H342   sing N N 266 
RSD C34   H343   sing N N 267 
RSD C35   C36    sing N N 268 
RSD C35   H35    sing N N 269 
RSD C36   C37    sing N N 270 
RSD C36   C38    sing N N 271 
RSD C37   H371   sing N N 272 
RSD C37   H372   sing N N 273 
RSD C38   H381   sing N N 274 
RSD C38   H382   sing N N 275 
RSD C38   H383   sing N N 276 
RSD C39   C40    sing N N 277 
RSD C39   H391   sing N N 278 
RSD C40   H40    sing N N 279 
RSD C41   H411   sing N N 280 
RSD C41   H412   sing N N 281 
RSD C41   H413   sing N N 282 
RSD C42   H421   sing N N 283 
RSD C42   H422   sing N N 284 
RSD C42   H423   sing N N 285 
RSD C43   H431   sing N N 286 
RSD C43   H432   sing N N 287 
RSD C43   H433   sing N N 288 
RSD C44   C46    sing N N 289 
RSD C44   C47    sing N N 290 
RSD C44   C50    sing N N 291 
RSD C45   C50    sing N N 292 
RSD C45   H45    sing N N 293 
RSD C46   H461   sing N N 294 
RSD C46   H462   sing N N 295 
RSD C46   H463   sing N N 296 
RSD C47   C48    sing N N 297 
RSD C47   H471   sing N N 298 
RSD C48   C49    sing N N 299 
RSD C48   H48    sing N N 300 
RSD C49   H491   sing N N 301 
RSD C49   H492   sing N N 302 
RSD C49   H493   sing N N 303 
RSD C50   H50    sing N N 304 
RSD C51   H511   sing N N 305 
RSD C51   H512   sing N N 306 
RSD C51   H513   sing N N 307 
# 
_ndb_struct_conf_na.entry_id   1N37 
_ndb_struct_conf_na.feature    'double helix' 
# 
loop_
_ndb_struct_na_base_pair.model_number 
_ndb_struct_na_base_pair.i_label_asym_id 
_ndb_struct_na_base_pair.i_label_comp_id 
_ndb_struct_na_base_pair.i_label_seq_id 
_ndb_struct_na_base_pair.i_symmetry 
_ndb_struct_na_base_pair.j_label_asym_id 
_ndb_struct_na_base_pair.j_label_comp_id 
_ndb_struct_na_base_pair.j_label_seq_id 
_ndb_struct_na_base_pair.j_symmetry 
_ndb_struct_na_base_pair.shear 
_ndb_struct_na_base_pair.stretch 
_ndb_struct_na_base_pair.stagger 
_ndb_struct_na_base_pair.buckle 
_ndb_struct_na_base_pair.propeller 
_ndb_struct_na_base_pair.opening 
_ndb_struct_na_base_pair.pair_number 
_ndb_struct_na_base_pair.pair_name 
_ndb_struct_na_base_pair.i_auth_asym_id 
_ndb_struct_na_base_pair.i_auth_seq_id 
_ndb_struct_na_base_pair.i_PDB_ins_code 
_ndb_struct_na_base_pair.j_auth_asym_id 
_ndb_struct_na_base_pair.j_auth_seq_id 
_ndb_struct_na_base_pair.j_PDB_ins_code 
_ndb_struct_na_base_pair.hbond_type_28 
_ndb_struct_na_base_pair.hbond_type_12 
1 A DA 1 1_555 B DT 8 1_555 -0.054 0.017  -0.605 -28.942 -17.930 4.485   1 A_DA1:DT16_B A 1 ? B 16 ? 20 1 
1 A DG 2 1_555 B DC 7 1_555 -0.145 -0.049 -0.235 -19.697 -6.599  -1.711  2 A_DG2:DC15_B A 2 ? B 15 ? 19 1 
1 A DA 3 1_555 B DT 6 1_555 -0.073 -0.067 0.440  -2.462  0.498   -2.666  3 A_DA3:DT14_B A 3 ? B 14 ? 20 1 
1 A DC 4 1_555 B DG 5 1_555 0.005  0.034  -0.126 25.799  -0.375  1.239   4 A_DC4:DG13_B A 4 ? B 13 ? 19 1 
1 A DG 5 1_555 B DC 4 1_555 -0.339 -0.067 -0.319 -23.272 -12.908 -0.031  5 A_DG5:DC12_B A 5 ? B 12 ? 19 1 
1 A DT 6 1_555 B DA 3 1_555 -0.147 0.012  0.256  -18.003 -14.151 1.583   6 A_DT6:DA11_B A 6 ? B 11 ? 20 1 
1 A DC 7 1_555 B DG 2 1_555 0.394  -0.173 -0.391 -6.128  4.223   -5.049  7 A_DC7:DG10_B A 7 ? B 10 ? 19 1 
1 A DT 8 1_555 B DA 1 1_555 6.487  -4.539 -0.430 6.628   -4.872  -16.360 8 A_DT8:DA9_B  A 8 ? B 9  ? ?  ? 
# 
loop_
_ndb_struct_na_base_pair_step.model_number 
_ndb_struct_na_base_pair_step.i_label_asym_id_1 
_ndb_struct_na_base_pair_step.i_label_comp_id_1 
_ndb_struct_na_base_pair_step.i_label_seq_id_1 
_ndb_struct_na_base_pair_step.i_symmetry_1 
_ndb_struct_na_base_pair_step.j_label_asym_id_1 
_ndb_struct_na_base_pair_step.j_label_comp_id_1 
_ndb_struct_na_base_pair_step.j_label_seq_id_1 
_ndb_struct_na_base_pair_step.j_symmetry_1 
_ndb_struct_na_base_pair_step.i_label_asym_id_2 
_ndb_struct_na_base_pair_step.i_label_comp_id_2 
_ndb_struct_na_base_pair_step.i_label_seq_id_2 
_ndb_struct_na_base_pair_step.i_symmetry_2 
_ndb_struct_na_base_pair_step.j_label_asym_id_2 
_ndb_struct_na_base_pair_step.j_label_comp_id_2 
_ndb_struct_na_base_pair_step.j_label_seq_id_2 
_ndb_struct_na_base_pair_step.j_symmetry_2 
_ndb_struct_na_base_pair_step.shift 
_ndb_struct_na_base_pair_step.slide 
_ndb_struct_na_base_pair_step.rise 
_ndb_struct_na_base_pair_step.tilt 
_ndb_struct_na_base_pair_step.roll 
_ndb_struct_na_base_pair_step.twist 
_ndb_struct_na_base_pair_step.x_displacement 
_ndb_struct_na_base_pair_step.y_displacement 
_ndb_struct_na_base_pair_step.helical_rise 
_ndb_struct_na_base_pair_step.inclination 
_ndb_struct_na_base_pair_step.tip 
_ndb_struct_na_base_pair_step.helical_twist 
_ndb_struct_na_base_pair_step.step_number 
_ndb_struct_na_base_pair_step.step_name 
_ndb_struct_na_base_pair_step.i_auth_asym_id_1 
_ndb_struct_na_base_pair_step.i_auth_seq_id_1 
_ndb_struct_na_base_pair_step.i_PDB_ins_code_1 
_ndb_struct_na_base_pair_step.j_auth_asym_id_1 
_ndb_struct_na_base_pair_step.j_auth_seq_id_1 
_ndb_struct_na_base_pair_step.j_PDB_ins_code_1 
_ndb_struct_na_base_pair_step.i_auth_asym_id_2 
_ndb_struct_na_base_pair_step.i_auth_seq_id_2 
_ndb_struct_na_base_pair_step.i_PDB_ins_code_2 
_ndb_struct_na_base_pair_step.j_auth_asym_id_2 
_ndb_struct_na_base_pair_step.j_auth_seq_id_2 
_ndb_struct_na_base_pair_step.j_PDB_ins_code_2 
1 A DA 1 1_555 B DT 8 1_555 A DG 2 1_555 B DC 7 1_555 -0.812 -0.926 3.072 -1.648 5.883  31.222 -2.680 1.205  2.891 10.800 3.026   
31.800 1 AA_DA1DG2:DC15DT16_BB A 1 ? B 16 ? A 2 ? B 15 ? 
1 A DG 2 1_555 B DC 7 1_555 A DA 3 1_555 B DT 6 1_555 0.184  -0.820 2.873 -3.822 -0.577 26.142 -1.660 -1.295 2.834 -1.266 8.392   
26.421 2 AA_DG2DA3:DT14DC15_BB A 2 ? B 15 ? A 3 ? B 14 ? 
1 A DA 3 1_555 B DT 6 1_555 A DC 4 1_555 B DG 5 1_555 0.415  -0.458 2.760 5.912  3.581  24.503 -1.913 0.500  2.690 8.231  -13.587 
25.445 3 AA_DA3DC4:DG13DT14_BB A 3 ? B 14 ? A 4 ? B 13 ? 
1 A DG 5 1_555 B DC 4 1_555 A DT 6 1_555 B DA 3 1_555 0.557  -1.008 3.221 -1.920 6.512  29.516 -3.178 -1.434 2.896 12.573 3.706   
30.270 4 AA_DG5DT6:DA11DC12_BB A 5 ? B 12 ? A 6 ? B 11 ? 
1 A DT 6 1_555 B DA 3 1_555 A DC 7 1_555 B DG 2 1_555 -0.075 -0.340 3.156 4.830  -3.317 35.243 -0.090 0.798  3.136 -5.432 -7.910  
35.712 5 AA_DT6DC7:DG10DA11_BB A 6 ? B 11 ? A 7 ? B 10 ? 
1 A DC 7 1_555 B DG 2 1_555 A DT 8 1_555 B DA 1 1_555 -1.131 0.024  3.015 3.184  2.865  49.393 -0.164 1.563  2.938 3.422  -3.801  
49.566 6 AA_DC7DT8:DA9DG10_BB  A 7 ? B 10 ? A 8 ? B 9  ? 
# 
_pdbx_nmr_spectrometer.spectrometer_id   1 
_pdbx_nmr_spectrometer.type              ? 
_pdbx_nmr_spectrometer.manufacturer      Bruker 
_pdbx_nmr_spectrometer.model             AVANCE 
_pdbx_nmr_spectrometer.field_strength    500 
# 
_atom_sites.entry_id                    1N37 
_atom_sites.fract_transf_matrix[1][1]   1.000000 
_atom_sites.fract_transf_matrix[1][2]   0.000000 
_atom_sites.fract_transf_matrix[1][3]   0.000000 
_atom_sites.fract_transf_matrix[2][1]   0.000000 
_atom_sites.fract_transf_matrix[2][2]   1.000000 
_atom_sites.fract_transf_matrix[2][3]   0.000000 
_atom_sites.fract_transf_matrix[3][1]   0.000000 
_atom_sites.fract_transf_matrix[3][2]   0.000000 
_atom_sites.fract_transf_matrix[3][3]   1.000000 
_atom_sites.fract_transf_vector[1]      0.00000 
_atom_sites.fract_transf_vector[2]      0.00000 
_atom_sites.fract_transf_vector[3]      0.00000 
# 
loop_
_atom_type.symbol 
C 
H 
N 
O 
P 
# 
loop_
_atom_site.group_PDB 
_atom_site.id 
_atom_site.type_symbol 
_atom_site.label_atom_id 
_atom_site.label_alt_id 
_atom_site.label_comp_id 
_atom_site.label_asym_id 
_atom_site.label_entity_id 
_atom_site.label_seq_id 
_atom_site.pdbx_PDB_ins_code 
_atom_site.Cartn_x 
_atom_site.Cartn_y 
_atom_site.Cartn_z 
_atom_site.occupancy 
_atom_site.B_iso_or_equiv 
_atom_site.pdbx_formal_charge 
_atom_site.auth_seq_id 
_atom_site.auth_comp_id 
_atom_site.auth_asym_id 
_atom_site.auth_atom_id 
_atom_site.pdbx_PDB_model_num 
ATOM   1   O "O5'"  . DA  A 1 1 ? -15.324 -10.110 -2.277 1.00 0.00 ? 1  DA  A "O5'"  1 
ATOM   2   C "C5'"  . DA  A 1 1 ? -14.553 -9.792  -1.139 1.00 0.00 ? 1  DA  A "C5'"  1 
ATOM   3   C "C4'"  . DA  A 1 1 ? -13.274 -10.624 -1.108 1.00 0.00 ? 1  DA  A "C4'"  1 
ATOM   4   O "O4'"  . DA  A 1 1 ? -12.445 -10.253 -2.185 1.00 0.00 ? 1  DA  A "O4'"  1 
ATOM   5   C "C3'"  . DA  A 1 1 ? -12.452 -10.364 0.153  1.00 0.00 ? 1  DA  A "C3'"  1 
ATOM   6   O "O3'"  . DA  A 1 1 ? -12.633 -11.411 1.080  1.00 0.00 ? 1  DA  A "O3'"  1 
ATOM   7   C "C2'"  . DA  A 1 1 ? -11.019 -10.263 -0.363 1.00 0.00 ? 1  DA  A "C2'"  1 
ATOM   8   C "C1'"  . DA  A 1 1 ? -11.132 -10.635 -1.839 1.00 0.00 ? 1  DA  A "C1'"  1 
ATOM   9   N N9     . DA  A 1 1 ? -10.147 -9.947  -2.693 1.00 0.00 ? 1  DA  A N9     1 
ATOM   10  C C8     . DA  A 1 1 ? -10.411 -9.048  -3.695 1.00 0.00 ? 1  DA  A C8     1 
ATOM   11  N N7     . DA  A 1 1 ? -9.368  -8.660  -4.376 1.00 0.00 ? 1  DA  A N7     1 
ATOM   12  C C5     . DA  A 1 1 ? -8.338  -9.384  -3.783 1.00 0.00 ? 1  DA  A C5     1 
ATOM   13  C C6     . DA  A 1 1 ? -6.966  -9.539  -4.035 1.00 0.00 ? 1  DA  A C6     1 
ATOM   14  N N6     . DA  A 1 1 ? -6.264  -8.945  -5.009 1.00 0.00 ? 1  DA  A N6     1 
ATOM   15  N N1     . DA  A 1 1 ? -6.226  -10.395 -3.320 1.00 0.00 ? 1  DA  A N1     1 
ATOM   16  C C2     . DA  A 1 1 ? -6.812  -11.073 -2.344 1.00 0.00 ? 1  DA  A C2     1 
ATOM   17  N N3     . DA  A 1 1 ? -8.092  -11.054 -2.005 1.00 0.00 ? 1  DA  A N3     1 
ATOM   18  C C4     . DA  A 1 1 ? -8.794  -10.179 -2.764 1.00 0.00 ? 1  DA  A C4     1 
ATOM   19  H "H5'"  . DA  A 1 1 ? -15.134 -9.994  -0.239 1.00 0.00 ? 1  DA  A "H5'"  1 
ATOM   20  H "H5''" . DA  A 1 1 ? -14.288 -8.734  -1.154 1.00 0.00 ? 1  DA  A "H5''" 1 
ATOM   21  H "H4'"  . DA  A 1 1 ? -13.517 -11.686 -1.173 1.00 0.00 ? 1  DA  A "H4'"  1 
ATOM   22  H "H3'"  . DA  A 1 1 ? -12.747 -9.405  0.580  1.00 0.00 ? 1  DA  A "H3'"  1 
ATOM   23  H "H2'"  . DA  A 1 1 ? -10.678 -9.232  -0.266 1.00 0.00 ? 1  DA  A "H2'"  1 
ATOM   24  H "H2''" . DA  A 1 1 ? -10.336 -10.931 0.163  1.00 0.00 ? 1  DA  A "H2''" 1 
ATOM   25  H "H1'"  . DA  A 1 1 ? -11.023 -11.708 -1.995 1.00 0.00 ? 1  DA  A "H1'"  1 
ATOM   26  H H8     . DA  A 1 1 ? -11.435 -8.754  -3.875 1.00 0.00 ? 1  DA  A H8     1 
ATOM   27  H H61    . DA  A 1 1 ? -5.288  -9.177  -5.116 1.00 0.00 ? 1  DA  A H61    1 
ATOM   28  H H62    . DA  A 1 1 ? -6.683  -8.232  -5.590 1.00 0.00 ? 1  DA  A H62    1 
ATOM   29  H H2     . DA  A 1 1 ? -6.182  -11.751 -1.788 1.00 0.00 ? 1  DA  A H2     1 
ATOM   30  H "HO5'" . DA  A 1 1 ? -15.816 -9.323  -2.523 1.00 0.00 ? 1  DA  A "HO5'" 1 
ATOM   31  P P      . DG  A 1 2 ? -12.403 -11.175 2.655  1.00 0.00 ? 2  DG  A P      1 
ATOM   32  O OP1    . DG  A 1 2 ? -12.741 -12.425 3.371  1.00 0.00 ? 2  DG  A OP1    1 
ATOM   33  O OP2    . DG  A 1 2 ? -13.083 -9.919  3.042  1.00 0.00 ? 2  DG  A OP2    1 
ATOM   34  O "O5'"  . DG  A 1 2 ? -10.819 -10.925 2.784  1.00 0.00 ? 2  DG  A "O5'"  1 
ATOM   35  C "C5'"  . DG  A 1 2 ? -9.920  -11.984 3.028  1.00 0.00 ? 2  DG  A "C5'"  1 
ATOM   36  C "C4'"  . DG  A 1 2 ? -8.503  -11.444 3.201  1.00 0.00 ? 2  DG  A "C4'"  1 
ATOM   37  O "O4'"  . DG  A 1 2 ? -7.960  -11.003 1.977  1.00 0.00 ? 2  DG  A "O4'"  1 
ATOM   38  C "C3'"  . DG  A 1 2 ? -8.433  -10.283 4.190  1.00 0.00 ? 2  DG  A "C3'"  1 
ATOM   39  O "O3'"  . DG  A 1 2 ? -7.781  -10.726 5.360  1.00 0.00 ? 2  DG  A "O3'"  1 
ATOM   40  C "C2'"  . DG  A 1 2 ? -7.729  -9.199  3.379  1.00 0.00 ? 2  DG  A "C2'"  1 
ATOM   41  C "C1'"  . DG  A 1 2 ? -7.024  -9.994  2.283  1.00 0.00 ? 2  DG  A "C1'"  1 
ATOM   42  N N9     . DG  A 1 2 ? -6.728  -9.206  1.072  1.00 0.00 ? 2  DG  A N9     1 
ATOM   43  C C8     . DG  A 1 2 ? -7.598  -8.428  0.353  1.00 0.00 ? 2  DG  A C8     1 
ATOM   44  N N7     . DG  A 1 2 ? -7.068  -7.851  -0.688 1.00 0.00 ? 2  DG  A N7     1 
ATOM   45  C C5     . DG  A 1 2 ? -5.748  -8.292  -0.662 1.00 0.00 ? 2  DG  A C5     1 
ATOM   46  C C6     . DG  A 1 2 ? -4.677  -8.053  -1.561 1.00 0.00 ? 2  DG  A C6     1 
ATOM   47  O O6     . DG  A 1 2 ? -4.655  -7.353  -2.571 1.00 0.00 ? 2  DG  A O6     1 
ATOM   48  N N1     . DG  A 1 2 ? -3.496  -8.698  -1.224 1.00 0.00 ? 2  DG  A N1     1 
ATOM   49  C C2     . DG  A 1 2 ? -3.397  -9.544  -0.137 1.00 0.00 ? 2  DG  A C2     1 
ATOM   50  N N2     . DG  A 1 2 ? -2.224  -10.167 0.037  1.00 0.00 ? 2  DG  A N2     1 
ATOM   51  N N3     . DG  A 1 2 ? -4.392  -9.784  0.727  1.00 0.00 ? 2  DG  A N3     1 
ATOM   52  C C4     . DG  A 1 2 ? -5.534  -9.137  0.395  1.00 0.00 ? 2  DG  A C4     1 
ATOM   53  H "H5'"  . DG  A 1 2 ? -9.937  -12.705 2.211  1.00 0.00 ? 2  DG  A "H5'"  1 
ATOM   54  H "H5''" . DG  A 1 2 ? -10.189 -12.486 3.956  1.00 0.00 ? 2  DG  A "H5''" 1 
ATOM   55  H "H4'"  . DG  A 1 2 ? -7.879  -12.258 3.569  1.00 0.00 ? 2  DG  A "H4'"  1 
ATOM   56  H "H3'"  . DG  A 1 2 ? -9.407  -9.872  4.451  1.00 0.00 ? 2  DG  A "H3'"  1 
ATOM   57  H "H2'"  . DG  A 1 2 ? -8.488  -8.543  2.955  1.00 0.00 ? 2  DG  A "H2'"  1 
ATOM   58  H "H2''" . DG  A 1 2 ? -7.062  -8.627  4.024  1.00 0.00 ? 2  DG  A "H2''" 1 
ATOM   59  H "H1'"  . DG  A 1 2 ? -6.104  -10.426 2.674  1.00 0.00 ? 2  DG  A "H1'"  1 
ATOM   60  H H8     . DG  A 1 2 ? -8.633  -8.337  0.650  1.00 0.00 ? 2  DG  A H8     1 
ATOM   61  H H1     . DG  A 1 2 ? -2.705  -8.590  -1.844 1.00 0.00 ? 2  DG  A H1     1 
ATOM   62  H H21    . DG  A 1 2 ? -1.489  -10.045 -0.644 1.00 0.00 ? 2  DG  A H21    1 
ATOM   63  H H22    . DG  A 1 2 ? -2.203  -10.941 0.686  1.00 0.00 ? 2  DG  A H22    1 
ATOM   64  P P      . DA  A 1 3 ? -7.585  -9.785  6.652  1.00 0.00 ? 3  DA  A P      1 
ATOM   65  O OP1    . DA  A 1 3 ? -7.434  -10.685 7.817  1.00 0.00 ? 3  DA  A OP1    1 
ATOM   66  O OP2    . DA  A 1 3 ? -8.635  -8.742  6.674  1.00 0.00 ? 3  DA  A OP2    1 
ATOM   67  O "O5'"  . DA  A 1 3 ? -6.154  -9.114  6.340  1.00 0.00 ? 3  DA  A "O5'"  1 
ATOM   68  C "C5'"  . DA  A 1 3 ? -5.029  -9.950  6.187  1.00 0.00 ? 3  DA  A "C5'"  1 
ATOM   69  C "C4'"  . DA  A 1 3 ? -3.816  -9.285  5.544  1.00 0.00 ? 3  DA  A "C4'"  1 
ATOM   70  O "O4'"  . DA  A 1 3 ? -4.029  -8.928  4.197  1.00 0.00 ? 3  DA  A "O4'"  1 
ATOM   71  C "C3'"  . DA  A 1 3 ? -3.358  -7.990  6.208  1.00 0.00 ? 3  DA  A "C3'"  1 
ATOM   72  O "O3'"  . DA  A 1 3 ? -2.727  -8.248  7.442  1.00 0.00 ? 3  DA  A "O3'"  1 
ATOM   73  C "C2'"  . DA  A 1 3 ? -2.458  -7.440  5.105  1.00 0.00 ? 3  DA  A "C2'"  1 
ATOM   74  C "C1'"  . DA  A 1 3 ? -2.928  -8.129  3.826  1.00 0.00 ? 3  DA  A "C1'"  1 
ATOM   75  N N9     . DA  A 1 3 ? -3.291  -7.206  2.735  1.00 0.00 ? 3  DA  A N9     1 
ATOM   76  C C8     . DA  A 1 3 ? -4.496  -6.588  2.514  1.00 0.00 ? 3  DA  A C8     1 
ATOM   77  N N7     . DA  A 1 3 ? -4.545  -5.874  1.423  1.00 0.00 ? 3  DA  A N7     1 
ATOM   78  C C5     . DA  A 1 3 ? -3.273  -6.035  0.884  1.00 0.00 ? 3  DA  A C5     1 
ATOM   79  C C6     . DA  A 1 3 ? -2.637  -5.596  -0.288 1.00 0.00 ? 3  DA  A C6     1 
ATOM   80  N N6     . DA  A 1 3 ? -3.202  -4.810  -1.214 1.00 0.00 ? 3  DA  A N6     1 
ATOM   81  N N1     . DA  A 1 3 ? -1.385  -5.974  -0.578 1.00 0.00 ? 3  DA  A N1     1 
ATOM   82  C C2     . DA  A 1 3 ? -0.762  -6.765  0.281  1.00 0.00 ? 3  DA  A C2     1 
ATOM   83  N N3     . DA  A 1 3 ? -1.234  -7.255  1.418  1.00 0.00 ? 3  DA  A N3     1 
ATOM   84  C C4     . DA  A 1 3 ? -2.503  -6.855  1.665  1.00 0.00 ? 3  DA  A C4     1 
ATOM   85  H "H5'"  . DA  A 1 3 ? -5.286  -10.809 5.568  1.00 0.00 ? 3  DA  A "H5'"  1 
ATOM   86  H "H5''" . DA  A 1 3 ? -4.731  -10.319 7.168  1.00 0.00 ? 3  DA  A "H5''" 1 
ATOM   87  H "H4'"  . DA  A 1 3 ? -2.981  -9.983  5.605  1.00 0.00 ? 3  DA  A "H4'"  1 
ATOM   88  H "H3'"  . DA  A 1 3 ? -4.237  -7.355  6.331  1.00 0.00 ? 3  DA  A "H3'"  1 
ATOM   89  H "H2'"  . DA  A 1 3 ? -2.546  -6.356  5.030  1.00 0.00 ? 3  DA  A "H2'"  1 
ATOM   90  H "H2''" . DA  A 1 3 ? -1.423  -7.730  5.287  1.00 0.00 ? 3  DA  A "H2''" 1 
ATOM   91  H "H1'"  . DA  A 1 3 ? -2.102  -8.753  3.487  1.00 0.00 ? 3  DA  A "H1'"  1 
ATOM   92  H H8     . DA  A 1 3 ? -5.343  -6.712  3.172  1.00 0.00 ? 3  DA  A H8     1 
ATOM   93  H H61    . DA  A 1 3 ? -2.700  -4.578  -2.059 1.00 0.00 ? 3  DA  A H61    1 
ATOM   94  H H62    . DA  A 1 3 ? -4.164  -4.540  -1.073 1.00 0.00 ? 3  DA  A H62    1 
ATOM   95  H H2     . DA  A 1 3 ? 0.247   -7.042  0.016  1.00 0.00 ? 3  DA  A H2     1 
ATOM   96  P P      . DC  A 1 4 ? -2.421  -7.073  8.500  1.00 0.00 ? 4  DC  A P      1 
ATOM   97  O OP1    . DC  A 1 4 ? -1.947  -7.698  9.754  1.00 0.00 ? 4  DC  A OP1    1 
ATOM   98  O OP2    . DC  A 1 4 ? -3.604  -6.186  8.563  1.00 0.00 ? 4  DC  A OP2    1 
ATOM   99  O "O5'"  . DC  A 1 4 ? -1.214  -6.242  7.832  1.00 0.00 ? 4  DC  A "O5'"  1 
ATOM   100 C "C5'"  . DC  A 1 4 ? 0.032   -6.846  7.566  1.00 0.00 ? 4  DC  A "C5'"  1 
ATOM   101 C "C4'"  . DC  A 1 4 ? 0.911   -5.997  6.653  1.00 0.00 ? 4  DC  A "C4'"  1 
ATOM   102 O "O4'"  . DC  A 1 4 ? 0.332   -5.881  5.373  1.00 0.00 ? 4  DC  A "O4'"  1 
ATOM   103 C "C3'"  . DC  A 1 4 ? 1.134   -4.566  7.137  1.00 0.00 ? 4  DC  A "C3'"  1 
ATOM   104 O "O3'"  . DC  A 1 4 ? 2.151   -4.588  8.112  1.00 0.00 ? 4  DC  A "O3'"  1 
ATOM   105 C "C2'"  . DC  A 1 4 ? 1.447   -3.847  5.829  1.00 0.00 ? 4  DC  A "C2'"  1 
ATOM   106 C "C1'"  . DC  A 1 4 ? 0.918   -4.769  4.734  1.00 0.00 ? 4  DC  A "C1'"  1 
ATOM   107 N N1     . DC  A 1 4 ? -0.107  -4.169  3.859  1.00 0.00 ? 4  DC  A N1     1 
ATOM   108 C C2     . DC  A 1 4 ? 0.142   -4.077  2.501  1.00 0.00 ? 4  DC  A C2     1 
ATOM   109 O O2     . DC  A 1 4 ? 1.196   -4.483  2.017  1.00 0.00 ? 4  DC  A O2     1 
ATOM   110 N N3     . DC  A 1 4 ? -0.764  -3.532  1.650  1.00 0.00 ? 4  DC  A N3     1 
ATOM   111 C C4     . DC  A 1 4 ? -1.935  -3.131  2.158  1.00 0.00 ? 4  DC  A C4     1 
ATOM   112 N N4     . DC  A 1 4 ? -2.795  -2.568  1.298  1.00 0.00 ? 4  DC  A N4     1 
ATOM   113 C C5     . DC  A 1 4 ? -2.268  -3.280  3.544  1.00 0.00 ? 4  DC  A C5     1 
ATOM   114 C C6     . DC  A 1 4 ? -1.319  -3.789  4.357  1.00 0.00 ? 4  DC  A C6     1 
ATOM   115 H "H5'"  . DC  A 1 4 ? -0.119  -7.824  7.107  1.00 0.00 ? 4  DC  A "H5'"  1 
ATOM   116 H "H5''" . DC  A 1 4 ? 0.581   -6.993  8.496  1.00 0.00 ? 4  DC  A "H5''" 1 
ATOM   117 H "H4'"  . DC  A 1 4 ? 1.893   -6.465  6.579  1.00 0.00 ? 4  DC  A "H4'"  1 
ATOM   118 H "H3'"  . DC  A 1 4 ? 0.205   -4.165  7.543  1.00 0.00 ? 4  DC  A "H3'"  1 
ATOM   119 H "H2'"  . DC  A 1 4 ? 0.977   -2.863  5.809  1.00 0.00 ? 4  DC  A "H2'"  1 
ATOM   120 H "H2''" . DC  A 1 4 ? 2.527   -3.739  5.713  1.00 0.00 ? 4  DC  A "H2''" 1 
ATOM   121 H "H1'"  . DC  A 1 4 ? 1.773   -5.104  4.146  1.00 0.00 ? 4  DC  A "H1'"  1 
ATOM   122 H H41    . DC  A 1 4 ? -2.505  -2.427  0.341  1.00 0.00 ? 4  DC  A H41    1 
ATOM   123 H H42    . DC  A 1 4 ? -3.701  -2.278  1.635  1.00 0.00 ? 4  DC  A H42    1 
ATOM   124 H H5     . DC  A 1 4 ? -3.221  -2.968  3.945  1.00 0.00 ? 4  DC  A H5     1 
ATOM   125 H H6     . DC  A 1 4 ? -1.521  -3.904  5.412  1.00 0.00 ? 4  DC  A H6     1 
ATOM   126 P P      . DG  A 1 5 ? 2.754   -3.274  8.819  1.00 0.00 ? 5  DG  A P      1 
ATOM   127 O OP1    . DG  A 1 5 ? 3.442   -3.701  10.058 1.00 0.00 ? 5  DG  A OP1    1 
ATOM   128 O OP2    . DG  A 1 5 ? 1.667   -2.277  8.927  1.00 0.00 ? 5  DG  A OP2    1 
ATOM   129 O "O5'"  . DG  A 1 5 ? 3.874   -2.750  7.787  1.00 0.00 ? 5  DG  A "O5'"  1 
ATOM   130 C "C5'"  . DG  A 1 5 ? 4.857   -3.641  7.307  1.00 0.00 ? 5  DG  A "C5'"  1 
ATOM   131 C "C4'"  . DG  A 1 5 ? 5.685   -3.080  6.155  1.00 0.00 ? 5  DG  A "C4'"  1 
ATOM   132 O "O4'"  . DG  A 1 5 ? 4.852   -2.506  5.172  1.00 0.00 ? 5  DG  A "O4'"  1 
ATOM   133 C "C3'"  . DG  A 1 5 ? 6.743   -2.051  6.545  1.00 0.00 ? 5  DG  A "C3'"  1 
ATOM   134 O "O3'"  . DG  A 1 5 ? 7.876   -2.301  5.742  1.00 0.00 ? 5  DG  A "O3'"  1 
ATOM   135 C "C2'"  . DG  A 1 5 ? 6.055   -0.733  6.203  1.00 0.00 ? 5  DG  A "C2'"  1 
ATOM   136 C "C1'"  . DG  A 1 5 ? 5.203   -1.150  5.008  1.00 0.00 ? 5  DG  A "C1'"  1 
ATOM   137 N N9     . DG  A 1 5 ? 4.002   -0.304  4.864  1.00 0.00 ? 5  DG  A N9     1 
ATOM   138 C C8     . DG  A 1 5 ? 2.945   -0.178  5.726  1.00 0.00 ? 5  DG  A C8     1 
ATOM   139 N N7     . DG  A 1 5 ? 2.080   0.732   5.369  1.00 0.00 ? 5  DG  A N7     1 
ATOM   140 C C5     . DG  A 1 5 ? 2.594   1.234   4.177  1.00 0.00 ? 5  DG  A C5     1 
ATOM   141 C C6     . DG  A 1 5 ? 2.100   2.241   3.308  1.00 0.00 ? 5  DG  A C6     1 
ATOM   142 O O6     . DG  A 1 5 ? 1.081   2.921   3.406  1.00 0.00 ? 5  DG  A O6     1 
ATOM   143 N N1     . DG  A 1 5 ? 2.912   2.474   2.206  1.00 0.00 ? 5  DG  A N1     1 
ATOM   144 C C2     . DG  A 1 5 ? 4.053   1.742   1.944  1.00 0.00 ? 5  DG  A C2     1 
ATOM   145 N N2     . DG  A 1 5 ? 4.657   1.934   0.763  1.00 0.00 ? 5  DG  A N2     1 
ATOM   146 N N3     . DG  A 1 5 ? 4.525   0.784   2.751  1.00 0.00 ? 5  DG  A N3     1 
ATOM   147 C C4     . DG  A 1 5 ? 3.758   0.591   3.850  1.00 0.00 ? 5  DG  A C4     1 
ATOM   148 H "H5'"  . DG  A 1 5 ? 4.373   -4.548  6.945  1.00 0.00 ? 5  DG  A "H5'"  1 
ATOM   149 H "H5''" . DG  A 1 5 ? 5.523   -3.926  8.120  1.00 0.00 ? 5  DG  A "H5''" 1 
ATOM   150 H "H4'"  . DG  A 1 5 ? 6.236   -3.920  5.733  1.00 0.00 ? 5  DG  A "H4'"  1 
ATOM   151 H "H3'"  . DG  A 1 5 ? 6.953   -2.124  7.612  1.00 0.00 ? 5  DG  A "H3'"  1 
ATOM   152 H "H2'"  . DG  A 1 5 ? 5.393   -0.436  7.016  1.00 0.00 ? 5  DG  A "H2'"  1 
ATOM   153 H "H2''" . DG  A 1 5 ? 6.745   0.072   5.953  1.00 0.00 ? 5  DG  A "H2''" 1 
ATOM   154 H "H1'"  . DG  A 1 5 ? 5.862   -1.016  4.150  1.00 0.00 ? 5  DG  A "H1'"  1 
ATOM   155 H H8     . DG  A 1 5 ? 2.862   -0.781  6.619  1.00 0.00 ? 5  DG  A H8     1 
ATOM   156 H H1     . DG  A 1 5 ? 2.599   3.160   1.535  1.00 0.00 ? 5  DG  A H1     1 
ATOM   157 H H21    . DG  A 1 5 ? 4.297   2.625   0.120  1.00 0.00 ? 5  DG  A H21    1 
ATOM   158 H H22    . DG  A 1 5 ? 5.291   1.213   0.453  1.00 0.00 ? 5  DG  A H22    1 
ATOM   159 P P      . DT  A 1 6 ? 9.307   -1.614  6.005  1.00 0.00 ? 6  DT  A P      1 
ATOM   160 O OP1    . DT  A 1 6 ? 10.302  -2.340  5.185  1.00 0.00 ? 6  DT  A OP1    1 
ATOM   161 O OP2    . DT  A 1 6 ? 9.515   -1.549  7.469  1.00 0.00 ? 6  DT  A OP2    1 
ATOM   162 O "O5'"  . DT  A 1 6 ? 9.164   -0.115  5.434  1.00 0.00 ? 6  DT  A "O5'"  1 
ATOM   163 C "C5'"  . DT  A 1 6 ? 9.157   0.101   4.041  1.00 0.00 ? 6  DT  A "C5'"  1 
ATOM   164 C "C4'"  . DT  A 1 6 ? 8.747   1.520   3.655  1.00 0.00 ? 6  DT  A "C4'"  1 
ATOM   165 O "O4'"  . DT  A 1 6 ? 7.376   1.750   3.889  1.00 0.00 ? 6  DT  A "O4'"  1 
ATOM   166 C "C3'"  . DT  A 1 6 ? 9.473   2.646   4.388  1.00 0.00 ? 6  DT  A "C3'"  1 
ATOM   167 O "O3'"  . DT  A 1 6 ? 10.665  2.980   3.713  1.00 0.00 ? 6  DT  A "O3'"  1 
ATOM   168 C "C2'"  . DT  A 1 6 ? 8.413   3.741   4.438  1.00 0.00 ? 6  DT  A "C2'"  1 
ATOM   169 C "C1'"  . DT  A 1 6 ? 7.215   3.139   3.707  1.00 0.00 ? 6  DT  A "C1'"  1 
ATOM   170 N N1     . DT  A 1 6 ? 5.936   3.636   4.248  1.00 0.00 ? 6  DT  A N1     1 
ATOM   171 C C2     . DT  A 1 6 ? 5.240   4.586   3.525  1.00 0.00 ? 6  DT  A C2     1 
ATOM   172 O O2     . DT  A 1 6 ? 5.619   5.047   2.450  1.00 0.00 ? 6  DT  A O2     1 
ATOM   173 N N3     . DT  A 1 6 ? 4.040   5.021   4.069  1.00 0.00 ? 6  DT  A N3     1 
ATOM   174 C C4     . DT  A 1 6 ? 3.507   4.593   5.278  1.00 0.00 ? 6  DT  A C4     1 
ATOM   175 O O4     . DT  A 1 6 ? 2.426   5.055   5.634  1.00 0.00 ? 6  DT  A O4     1 
ATOM   176 C C5     . DT  A 1 6 ? 4.327   3.636   5.984  1.00 0.00 ? 6  DT  A C5     1 
ATOM   177 C C7     . DT  A 1 6 ? 3.922   3.094   7.334  1.00 0.00 ? 6  DT  A C7     1 
ATOM   178 C C6     . DT  A 1 6 ? 5.487   3.188   5.457  1.00 0.00 ? 6  DT  A C6     1 
ATOM   179 H "H5'"  . DT  A 1 6 ? 8.465   -0.590  3.560  1.00 0.00 ? 6  DT  A "H5'"  1 
ATOM   180 H "H5''" . DT  A 1 6 ? 10.158  -0.091  3.652  1.00 0.00 ? 6  DT  A "H5''" 1 
ATOM   181 H "H4'"  . DT  A 1 6 ? 8.949   1.645   2.592  1.00 0.00 ? 6  DT  A "H4'"  1 
ATOM   182 H "H3'"  . DT  A 1 6 ? 9.702   2.327   5.406  1.00 0.00 ? 6  DT  A "H3'"  1 
ATOM   183 H "H2'"  . DT  A 1 6 ? 8.155   3.955   5.475  1.00 0.00 ? 6  DT  A "H2'"  1 
ATOM   184 H "H2''" . DT  A 1 6 ? 8.726   4.655   3.933  1.00 0.00 ? 6  DT  A "H2''" 1 
ATOM   185 H "H1'"  . DT  A 1 6 ? 7.278   3.375   2.645  1.00 0.00 ? 6  DT  A "H1'"  1 
ATOM   186 H H3     . DT  A 1 6 ? 3.512   5.700   3.542  1.00 0.00 ? 6  DT  A H3     1 
ATOM   187 H H71    . DT  A 1 6 ? 4.135   2.026   7.380  1.00 0.00 ? 6  DT  A H71    1 
ATOM   188 H H72    . DT  A 1 6 ? 2.854   3.246   7.494  1.00 0.00 ? 6  DT  A H72    1 
ATOM   189 H H73    . DT  A 1 6 ? 4.483   3.606   8.115  1.00 0.00 ? 6  DT  A H73    1 
ATOM   190 H H6     . DT  A 1 6 ? 6.072   2.459   5.999  1.00 0.00 ? 6  DT  A H6     1 
ATOM   191 P P      . DC  A 1 7 ? 11.638  4.160   4.213  1.00 0.00 ? 7  DC  A P      1 
ATOM   192 O OP1    . DC  A 1 7 ? 12.967  3.928   3.602  1.00 0.00 ? 7  DC  A OP1    1 
ATOM   193 O OP2    . DC  A 1 7 ? 11.540  4.283   5.685  1.00 0.00 ? 7  DC  A OP2    1 
ATOM   194 O "O5'"  . DC  A 1 7 ? 10.994  5.471   3.536  1.00 0.00 ? 7  DC  A "O5'"  1 
ATOM   195 C "C5'"  . DC  A 1 7 ? 10.746  5.510   2.148  1.00 0.00 ? 7  DC  A "C5'"  1 
ATOM   196 C "C4'"  . DC  A 1 7 ? 10.012  6.780   1.726  1.00 0.00 ? 7  DC  A "C4'"  1 
ATOM   197 O "O4'"  . DC  A 1 7 ? 8.696   6.764   2.232  1.00 0.00 ? 7  DC  A "O4'"  1 
ATOM   198 C "C3'"  . DC  A 1 7 ? 10.700  8.055   2.207  1.00 0.00 ? 7  DC  A "C3'"  1 
ATOM   199 O "O3'"  . DC  A 1 7 ? 10.838  8.938   1.116  1.00 0.00 ? 7  DC  A "O3'"  1 
ATOM   200 C "C2'"  . DC  A 1 7 ? 9.732   8.556   3.274  1.00 0.00 ? 7  DC  A "C2'"  1 
ATOM   201 C "C1'"  . DC  A 1 7 ? 8.399   8.051   2.727  1.00 0.00 ? 7  DC  A "C1'"  1 
ATOM   202 N N1     . DC  A 1 7 ? 7.319   7.941   3.726  1.00 0.00 ? 7  DC  A N1     1 
ATOM   203 C C2     . DC  A 1 7 ? 6.079   8.493   3.459  1.00 0.00 ? 7  DC  A C2     1 
ATOM   204 O O2     . DC  A 1 7 ? 5.822   9.080   2.411  1.00 0.00 ? 7  DC  A O2     1 
ATOM   205 N N3     . DC  A 1 7 ? 5.071   8.416   4.366  1.00 0.00 ? 7  DC  A N3     1 
ATOM   206 C C4     . DC  A 1 7 ? 5.294   7.740   5.500  1.00 0.00 ? 7  DC  A C4     1 
ATOM   207 N N4     . DC  A 1 7 ? 4.272   7.679   6.363  1.00 0.00 ? 7  DC  A N4     1 
ATOM   208 C C5     . DC  A 1 7 ? 6.547   7.112   5.799  1.00 0.00 ? 7  DC  A C5     1 
ATOM   209 C C6     . DC  A 1 7 ? 7.527   7.243   4.879  1.00 0.00 ? 7  DC  A C6     1 
ATOM   210 H "H5'"  . DC  A 1 7 ? 10.132  4.659   1.852  1.00 0.00 ? 7  DC  A "H5'"  1 
ATOM   211 H "H5''" . DC  A 1 7 ? 11.695  5.455   1.614  1.00 0.00 ? 7  DC  A "H5''" 1 
ATOM   212 H "H4'"  . DC  A 1 7 ? 9.968   6.794   0.637  1.00 0.00 ? 7  DC  A "H4'"  1 
ATOM   213 H "H3'"  . DC  A 1 7 ? 11.671  7.832   2.647  1.00 0.00 ? 7  DC  A "H3'"  1 
ATOM   214 H "H2'"  . DC  A 1 7 ? 9.986   8.085   4.224  1.00 0.00 ? 7  DC  A "H2'"  1 
ATOM   215 H "H2''" . DC  A 1 7 ? 9.738   9.641   3.381  1.00 0.00 ? 7  DC  A "H2''" 1 
ATOM   216 H "H1'"  . DC  A 1 7 ? 8.113   8.713   1.910  1.00 0.00 ? 7  DC  A "H1'"  1 
ATOM   217 H H41    . DC  A 1 7 ? 3.411   8.111   6.060  1.00 0.00 ? 7  DC  A H41    1 
ATOM   218 H H42    . DC  A 1 7 ? 4.368   7.207   7.250  1.00 0.00 ? 7  DC  A H42    1 
ATOM   219 H H5     . DC  A 1 7 ? 6.743   6.542   6.694  1.00 0.00 ? 7  DC  A H5     1 
ATOM   220 H H6     . DC  A 1 7 ? 8.471   6.753   5.066  1.00 0.00 ? 7  DC  A H6     1 
ATOM   221 P P      . DT  A 1 8 ? 11.667  10.312  1.222  1.00 0.00 ? 8  DT  A P      1 
ATOM   222 O OP1    . DT  A 1 8 ? 12.089  10.710  -0.139 1.00 0.00 ? 8  DT  A OP1    1 
ATOM   223 O OP2    . DT  A 1 8 ? 12.705  10.143  2.263  1.00 0.00 ? 8  DT  A OP2    1 
ATOM   224 O "O5'"  . DT  A 1 8 ? 10.605  11.401  1.754  1.00 0.00 ? 8  DT  A "O5'"  1 
ATOM   225 C "C5'"  . DT  A 1 8 ? 9.461   11.697  0.985  1.00 0.00 ? 8  DT  A "C5'"  1 
ATOM   226 C "C4'"  . DT  A 1 8 ? 8.327   12.304  1.805  1.00 0.00 ? 8  DT  A "C4'"  1 
ATOM   227 O "O4'"  . DT  A 1 8 ? 7.843   11.413  2.785  1.00 0.00 ? 8  DT  A "O4'"  1 
ATOM   228 C "C3'"  . DT  A 1 8 ? 8.679   13.559  2.598  1.00 0.00 ? 8  DT  A "C3'"  1 
ATOM   229 O "O3'"  . DT  A 1 8 ? 8.675   14.722  1.800  1.00 0.00 ? 8  DT  A "O3'"  1 
ATOM   230 C "C2'"  . DT  A 1 8 ? 7.586   13.580  3.665  1.00 0.00 ? 8  DT  A "C2'"  1 
ATOM   231 C "C1'"  . DT  A 1 8 ? 6.997   12.172  3.619  1.00 0.00 ? 8  DT  A "C1'"  1 
ATOM   232 N N1     . DT  A 1 8 ? 6.885   11.551  4.952  1.00 0.00 ? 8  DT  A N1     1 
ATOM   233 C C2     . DT  A 1 8 ? 5.637   11.500  5.547  1.00 0.00 ? 8  DT  A C2     1 
ATOM   234 O O2     . DT  A 1 8 ? 4.629   12.017  5.069  1.00 0.00 ? 8  DT  A O2     1 
ATOM   235 N N3     . DT  A 1 8 ? 5.545   10.824  6.756  1.00 0.00 ? 8  DT  A N3     1 
ATOM   236 C C4     . DT  A 1 8 ? 6.618   10.257  7.430  1.00 0.00 ? 8  DT  A C4     1 
ATOM   237 O O4     . DT  A 1 8 ? 6.402   9.684   8.493  1.00 0.00 ? 8  DT  A O4     1 
ATOM   238 C C5     . DT  A 1 8 ? 7.895   10.423  6.775  1.00 0.00 ? 8  DT  A C5     1 
ATOM   239 C C7     . DT  A 1 8 ? 9.157   9.880   7.401  1.00 0.00 ? 8  DT  A C7     1 
ATOM   240 C C6     . DT  A 1 8 ? 7.987   11.046  5.582  1.00 0.00 ? 8  DT  A C6     1 
ATOM   241 H "H5'"  . DT  A 1 8 ? 9.079   10.786  0.525  1.00 0.00 ? 8  DT  A "H5'"  1 
ATOM   242 H "H5''" . DT  A 1 8 ? 9.734   12.391  0.189  1.00 0.00 ? 8  DT  A "H5''" 1 
ATOM   243 H "H4'"  . DT  A 1 8 ? 7.517   12.577  1.128  1.00 0.00 ? 8  DT  A "H4'"  1 
ATOM   244 H "H3'"  . DT  A 1 8 ? 9.644   13.399  3.077  1.00 0.00 ? 8  DT  A "H3'"  1 
ATOM   245 H "HO3'" . DT  A 1 8 ? 8.812   15.475  2.379  1.00 0.00 ? 8  DT  A "HO3'" 1 
ATOM   246 H "H2'"  . DT  A 1 8 ? 8.018   13.807  4.640  1.00 0.00 ? 8  DT  A "H2'"  1 
ATOM   247 H "H2''" . DT  A 1 8 ? 6.812   14.308  3.424  1.00 0.00 ? 8  DT  A "H2''" 1 
ATOM   248 H "H1'"  . DT  A 1 8 ? 6.008   12.205  3.165  1.00 0.00 ? 8  DT  A "H1'"  1 
ATOM   249 H H3     . DT  A 1 8 ? 4.632   10.714  7.174  1.00 0.00 ? 8  DT  A H3     1 
ATOM   250 H H71    . DT  A 1 8 ? 9.980   10.587  7.273  1.00 0.00 ? 8  DT  A H71    1 
ATOM   251 H H72    . DT  A 1 8 ? 9.420   8.939   6.919  1.00 0.00 ? 8  DT  A H72    1 
ATOM   252 H H73    . DT  A 1 8 ? 9.014   9.708   8.468  1.00 0.00 ? 8  DT  A H73    1 
ATOM   253 H H6     . DT  A 1 8 ? 8.953   11.150  5.111  1.00 0.00 ? 8  DT  A H6     1 
ATOM   254 O "O5'"  . DA  B 1 1 ? -4.342  16.946  7.516  1.00 0.00 ? 9  DA  B "O5'"  1 
ATOM   255 C "C5'"  . DA  B 1 1 ? -3.100  16.594  6.948  1.00 0.00 ? 9  DA  B "C5'"  1 
ATOM   256 C "C4'"  . DA  B 1 1 ? -3.226  16.418  5.437  1.00 0.00 ? 9  DA  B "C4'"  1 
ATOM   257 O "O4'"  . DA  B 1 1 ? -1.939  16.245  4.887  1.00 0.00 ? 9  DA  B "O4'"  1 
ATOM   258 C "C3'"  . DA  B 1 1 ? -4.056  15.199  5.048  1.00 0.00 ? 9  DA  B "C3'"  1 
ATOM   259 O "O3'"  . DA  B 1 1 ? -4.792  15.535  3.893  1.00 0.00 ? 9  DA  B "O3'"  1 
ATOM   260 C "C2'"  . DA  B 1 1 ? -2.967  14.158  4.802  1.00 0.00 ? 9  DA  B "C2'"  1 
ATOM   261 C "C1'"  . DA  B 1 1 ? -1.921  15.050  4.139  1.00 0.00 ? 9  DA  B "C1'"  1 
ATOM   262 N N9     . DA  B 1 1 ? -0.546  14.516  4.097  1.00 0.00 ? 9  DA  B N9     1 
ATOM   263 C C8     . DA  B 1 1 ? 0.104   13.804  5.072  1.00 0.00 ? 9  DA  B C8     1 
ATOM   264 N N7     . DA  B 1 1 ? 1.352   13.535  4.806  1.00 0.00 ? 9  DA  B N7     1 
ATOM   265 C C5     . DA  B 1 1 ? 1.527   14.087  3.542  1.00 0.00 ? 9  DA  B C5     1 
ATOM   266 C C6     . DA  B 1 1 ? 2.601   14.194  2.643  1.00 0.00 ? 9  DA  B C6     1 
ATOM   267 N N6     . DA  B 1 1 ? 3.821   13.673  2.827  1.00 0.00 ? 9  DA  B N6     1 
ATOM   268 N N1     . DA  B 1 1 ? 2.495   14.895  1.508  1.00 0.00 ? 9  DA  B N1     1 
ATOM   269 C C2     . DA  B 1 1 ? 1.324   15.453  1.239  1.00 0.00 ? 9  DA  B C2     1 
ATOM   270 N N3     . DA  B 1 1 ? 0.221   15.427  1.970  1.00 0.00 ? 9  DA  B N3     1 
ATOM   271 C C4     . DA  B 1 1 ? 0.387   14.712  3.107  1.00 0.00 ? 9  DA  B C4     1 
ATOM   272 H "H5'"  . DA  B 1 1 ? -2.713  15.679  7.397  1.00 0.00 ? 9  DA  B "H5'"  1 
ATOM   273 H "H5''" . DA  B 1 1 ? -2.378  17.390  7.135  1.00 0.00 ? 9  DA  B "H5''" 1 
ATOM   274 H "H4'"  . DA  B 1 1 ? -3.686  17.315  5.021  1.00 0.00 ? 9  DA  B "H4'"  1 
ATOM   275 H "H3'"  . DA  B 1 1 ? -4.714  14.895  5.862  1.00 0.00 ? 9  DA  B "H3'"  1 
ATOM   276 H "H2'"  . DA  B 1 1 ? -2.616  13.770  5.759  1.00 0.00 ? 9  DA  B "H2'"  1 
ATOM   277 H "H2''" . DA  B 1 1 ? -3.291  13.347  4.151  1.00 0.00 ? 9  DA  B "H2''" 1 
ATOM   278 H "H1'"  . DA  B 1 1 ? -2.236  15.234  3.112  1.00 0.00 ? 9  DA  B "H1'"  1 
ATOM   279 H H8     . DA  B 1 1 ? -0.438  13.552  5.972  1.00 0.00 ? 9  DA  B H8     1 
ATOM   280 H H61    . DA  B 1 1 ? 4.465   13.737  2.052  1.00 0.00 ? 9  DA  B H61    1 
ATOM   281 H H62    . DA  B 1 1 ? 3.989   13.099  3.642  1.00 0.00 ? 9  DA  B H62    1 
ATOM   282 H H2     . DA  B 1 1 ? 1.268   16.008  0.313  1.00 0.00 ? 9  DA  B H2     1 
ATOM   283 H "HO5'" . DA  B 1 1 ? -4.195  17.574  8.227  1.00 0.00 ? 9  DA  B "HO5'" 1 
ATOM   284 P P      . DG  B 1 2 ? -5.879  14.558  3.216  1.00 0.00 ? 10 DG  B P      1 
ATOM   285 O OP1    . DG  B 1 2 ? -6.716  15.381  2.316  1.00 0.00 ? 10 DG  B OP1    1 
ATOM   286 O OP2    . DG  B 1 2 ? -6.551  13.781  4.281  1.00 0.00 ? 10 DG  B OP2    1 
ATOM   287 O "O5'"  . DG  B 1 2 ? -5.031  13.529  2.313  1.00 0.00 ? 10 DG  B "O5'"  1 
ATOM   288 C "C5'"  . DG  B 1 2 ? -4.270  13.984  1.218  1.00 0.00 ? 10 DG  B "C5'"  1 
ATOM   289 C "C4'"  . DG  B 1 2 ? -3.230  12.964  0.762  1.00 0.00 ? 10 DG  B "C4'"  1 
ATOM   290 O "O4'"  . DG  B 1 2 ? -2.184  12.844  1.699  1.00 0.00 ? 10 DG  B "O4'"  1 
ATOM   291 C "C3'"  . DG  B 1 2 ? -3.815  11.576  0.514  1.00 0.00 ? 10 DG  B "C3'"  1 
ATOM   292 O "O3'"  . DG  B 1 2 ? -3.335  11.013  -0.686 1.00 0.00 ? 10 DG  B "O3'"  1 
ATOM   293 C "C2'"  . DG  B 1 2 ? -3.205  10.796  1.675  1.00 0.00 ? 10 DG  B "C2'"  1 
ATOM   294 C "C1'"  . DG  B 1 2 ? -1.844  11.478  1.777  1.00 0.00 ? 10 DG  B "C1'"  1 
ATOM   295 N N9     . DG  B 1 2 ? -1.115  11.105  3.003  1.00 0.00 ? 10 DG  B N9     1 
ATOM   296 C C8     . DG  B 1 2 ? -1.641  10.771  4.224  1.00 0.00 ? 10 DG  B C8     1 
ATOM   297 N N7     . DG  B 1 2 ? -0.783  10.252  5.058  1.00 0.00 ? 10 DG  B N7     1 
ATOM   298 C C5     . DG  B 1 2 ? 0.402   10.253  4.329  1.00 0.00 ? 10 DG  B C5     1 
ATOM   299 C C6     . DG  B 1 2 ? 1.690   9.773   4.684  1.00 0.00 ? 10 DG  B C6     1 
ATOM   300 O O6     . DG  B 1 2 ? 2.042   9.246   5.737  1.00 0.00 ? 10 DG  B O6     1 
ATOM   301 N N1     . DG  B 1 2 ? 2.645   9.927   3.690  1.00 0.00 ? 10 DG  B N1     1 
ATOM   302 C C2     . DG  B 1 2 ? 2.368   10.533  2.481  1.00 0.00 ? 10 DG  B C2     1 
ATOM   303 N N2     . DG  B 1 2 ? 3.402   10.658  1.637  1.00 0.00 ? 10 DG  B N2     1 
ATOM   304 N N3     . DG  B 1 2 ? 1.156   10.971  2.118  1.00 0.00 ? 10 DG  B N3     1 
ATOM   305 C C4     . DG  B 1 2 ? 0.223   10.801  3.086  1.00 0.00 ? 10 DG  B C4     1 
ATOM   306 H "H5'"  . DG  B 1 2 ? -3.739  14.900  1.482  1.00 0.00 ? 10 DG  B "H5'"  1 
ATOM   307 H "H5''" . DG  B 1 2 ? -4.934  14.202  0.382  1.00 0.00 ? 10 DG  B "H5''" 1 
ATOM   308 H "H4'"  . DG  B 1 2 ? -2.805  13.304  -0.184 1.00 0.00 ? 10 DG  B "H4'"  1 
ATOM   309 H "H3'"  . DG  B 1 2 ? -4.903  11.580  0.577  1.00 0.00 ? 10 DG  B "H3'"  1 
ATOM   310 H "H2'"  . DG  B 1 2 ? -3.796  10.971  2.574  1.00 0.00 ? 10 DG  B "H2'"  1 
ATOM   311 H "H2''" . DG  B 1 2 ? -3.114  9.734   1.447  1.00 0.00 ? 10 DG  B "H2''" 1 
ATOM   312 H "H1'"  . DG  B 1 2 ? -1.252  11.185  0.909  1.00 0.00 ? 10 DG  B "H1'"  1 
ATOM   313 H H8     . DG  B 1 2 ? -2.686  10.909  4.461  1.00 0.00 ? 10 DG  B H8     1 
ATOM   314 H H1     . DG  B 1 2 ? 3.566   9.549   3.864  1.00 0.00 ? 10 DG  B H1     1 
ATOM   315 H H21    . DG  B 1 2 ? 4.288   10.218  1.841  1.00 0.00 ? 10 DG  B H21    1 
ATOM   316 H H22    . DG  B 1 2 ? 3.221   11.120  0.757  1.00 0.00 ? 10 DG  B H22    1 
ATOM   317 P P      . DA  B 1 3 ? -4.043  11.341  -2.095 1.00 0.00 ? 11 DA  B P      1 
ATOM   318 O OP1    . DA  B 1 3 ? -4.393  12.777  -2.156 1.00 0.00 ? 11 DA  B OP1    1 
ATOM   319 O OP2    . DA  B 1 3 ? -5.115  10.336  -2.274 1.00 0.00 ? 11 DA  B OP2    1 
ATOM   320 O "O5'"  . DA  B 1 3 ? -2.886  11.075  -3.182 1.00 0.00 ? 11 DA  B "O5'"  1 
ATOM   321 C "C5'"  . DA  B 1 3 ? -1.684  11.813  -3.163 1.00 0.00 ? 11 DA  B "C5'"  1 
ATOM   322 C "C4'"  . DA  B 1 3 ? -0.455  10.954  -2.878 1.00 0.00 ? 11 DA  B "C4'"  1 
ATOM   323 O "O4'"  . DA  B 1 3 ? -0.364  10.579  -1.522 1.00 0.00 ? 11 DA  B "O4'"  1 
ATOM   324 C "C3'"  . DA  B 1 3 ? -0.385  9.653   -3.674 1.00 0.00 ? 11 DA  B "C3'"  1 
ATOM   325 O "O3'"  . DA  B 1 3 ? 0.194   9.888   -4.939 1.00 0.00 ? 11 DA  B "O3'"  1 
ATOM   326 C "C2'"  . DA  B 1 3 ? 0.447   8.740   -2.778 1.00 0.00 ? 11 DA  B "C2'"  1 
ATOM   327 C "C1'"  . DA  B 1 3 ? 0.534   9.494   -1.455 1.00 0.00 ? 11 DA  B "C1'"  1 
ATOM   328 N N9     . DA  B 1 3 ? 0.186   8.634   -0.308 1.00 0.00 ? 11 DA  B N9     1 
ATOM   329 C C8     . DA  B 1 3 ? -1.058  8.405   0.221  1.00 0.00 ? 11 DA  B C8     1 
ATOM   330 N N7     . DA  B 1 3 ? -1.040  7.793   1.373  1.00 0.00 ? 11 DA  B N7     1 
ATOM   331 C C5     . DA  B 1 3 ? 0.310   7.522   1.569  1.00 0.00 ? 11 DA  B C5     1 
ATOM   332 C C6     . DA  B 1 3 ? 1.070   6.895   2.570  1.00 0.00 ? 11 DA  B C6     1 
ATOM   333 N N6     . DA  B 1 3 ? 0.598   6.378   3.713  1.00 0.00 ? 11 DA  B N6     1 
ATOM   334 N N1     . DA  B 1 3 ? 2.400   6.786   2.466  1.00 0.00 ? 11 DA  B N1     1 
ATOM   335 C C2     . DA  B 1 3 ? 2.980   7.271   1.379  1.00 0.00 ? 11 DA  B C2     1 
ATOM   336 N N3     . DA  B 1 3 ? 2.404   7.873   0.349  1.00 0.00 ? 11 DA  B N3     1 
ATOM   337 C C4     . DA  B 1 3 ? 1.066   7.982   0.523  1.00 0.00 ? 11 DA  B C4     1 
ATOM   338 H "H5'"  . DA  B 1 3 ? -1.719  12.616  -2.428 1.00 0.00 ? 11 DA  B "H5'"  1 
ATOM   339 H "H5''" . DA  B 1 3 ? -1.549  12.283  -4.138 1.00 0.00 ? 11 DA  B "H5''" 1 
ATOM   340 H "H4'"  . DA  B 1 3 ? 0.437   11.495  -3.191 1.00 0.00 ? 11 DA  B "H4'"  1 
ATOM   341 H "H3'"  . DA  B 1 3 ? -1.408  9.289   -3.747 1.00 0.00 ? 11 DA  B "H3'"  1 
ATOM   342 H "H2'"  . DA  B 1 3 ? -0.037  7.769   -2.668 1.00 0.00 ? 11 DA  B "H2'"  1 
ATOM   343 H "H2''" . DA  B 1 3 ? 1.464   8.637   -3.157 1.00 0.00 ? 11 DA  B "H2''" 1 
ATOM   344 H "H1'"  . DA  B 1 3 ? 1.557   9.858   -1.356 1.00 0.00 ? 11 DA  B "H1'"  1 
ATOM   345 H H8     . DA  B 1 3 ? -1.941  8.770   -0.282 1.00 0.00 ? 11 DA  B H8     1 
ATOM   346 H H61    . DA  B 1 3 ? 1.266   5.948   4.337  1.00 0.00 ? 11 DA  B H61    1 
ATOM   347 H H62    . DA  B 1 3 ? -0.393  6.377   3.902  1.00 0.00 ? 11 DA  B H62    1 
ATOM   348 H H2     . DA  B 1 3 ? 4.054   7.164   1.330  1.00 0.00 ? 11 DA  B H2     1 
ATOM   349 P P      . DC  B 1 4 ? 0.101   8.813   -6.134 1.00 0.00 ? 12 DC  B P      1 
ATOM   350 O OP1    . DC  B 1 4 ? 0.745   9.425   -7.318 1.00 0.00 ? 12 DC  B OP1    1 
ATOM   351 O OP2    . DC  B 1 4 ? -1.308  8.371   -6.221 1.00 0.00 ? 12 DC  B OP2    1 
ATOM   352 O "O5'"  . DC  B 1 4 ? 1.005   7.565   -5.670 1.00 0.00 ? 12 DC  B "O5'"  1 
ATOM   353 C "C5'"  . DC  B 1 4 ? 2.412   7.655   -5.621 1.00 0.00 ? 12 DC  B "C5'"  1 
ATOM   354 C "C4'"  . DC  B 1 4 ? 3.013   6.382   -5.031 1.00 0.00 ? 12 DC  B "C4'"  1 
ATOM   355 O "O4'"  . DC  B 1 4 ? 2.636   6.258   -3.677 1.00 0.00 ? 12 DC  B "O4'"  1 
ATOM   356 C "C3'"  . DC  B 1 4 ? 2.551   5.116   -5.749 1.00 0.00 ? 12 DC  B "C3'"  1 
ATOM   357 O "O3'"  . DC  B 1 4 ? 3.600   4.711   -6.600 1.00 0.00 ? 12 DC  B "O3'"  1 
ATOM   358 C "C2'"  . DC  B 1 4 ? 2.237   4.149   -4.611 1.00 0.00 ? 12 DC  B "C2'"  1 
ATOM   359 C "C1'"  . DC  B 1 4 ? 2.707   4.886   -3.360 1.00 0.00 ? 12 DC  B "C1'"  1 
ATOM   360 N N1     . DC  B 1 4 ? 1.861   4.669   -2.171 1.00 0.00 ? 12 DC  B N1     1 
ATOM   361 C C2     . DC  B 1 4 ? 2.448   4.229   -0.998 1.00 0.00 ? 12 DC  B C2     1 
ATOM   362 O O2     . DC  B 1 4 ? 3.646   3.959   -0.933 1.00 0.00 ? 12 DC  B O2     1 
ATOM   363 N N3     . DC  B 1 4 ? 1.717   4.077   0.136  1.00 0.00 ? 12 DC  B N3     1 
ATOM   364 C C4     . DC  B 1 4 ? 0.418   4.400   0.089  1.00 0.00 ? 12 DC  B C4     1 
ATOM   365 N N4     . DC  B 1 4 ? -0.260  4.220   1.230  1.00 0.00 ? 12 DC  B N4     1 
ATOM   366 C C5     . DC  B 1 4 ? -0.222  4.896   -1.091 1.00 0.00 ? 12 DC  B C5     1 
ATOM   367 C C6     . DC  B 1 4 ? 0.539   5.006   -2.201 1.00 0.00 ? 12 DC  B C6     1 
ATOM   368 H "H5'"  . DC  B 1 4 ? 2.738   8.490   -5.002 1.00 0.00 ? 12 DC  B "H5'"  1 
ATOM   369 H "H5''" . DC  B 1 4 ? 2.787   7.789   -6.636 1.00 0.00 ? 12 DC  B "H5''" 1 
ATOM   370 H "H4'"  . DC  B 1 4 ? 4.098   6.455   -5.094 1.00 0.00 ? 12 DC  B "H4'"  1 
ATOM   371 H "H3'"  . DC  B 1 4 ? 1.639   5.313   -6.313 1.00 0.00 ? 12 DC  B "H3'"  1 
ATOM   372 H "H2'"  . DC  B 1 4 ? 1.159   3.988   -4.585 1.00 0.00 ? 12 DC  B "H2'"  1 
ATOM   373 H "H2''" . DC  B 1 4 ? 2.753   3.195   -4.723 1.00 0.00 ? 12 DC  B "H2''" 1 
ATOM   374 H "H1'"  . DC  B 1 4 ? 3.747   4.632   -3.159 1.00 0.00 ? 12 DC  B "H1'"  1 
ATOM   375 H H41    . DC  B 1 4 ? 0.263   3.863   2.017  1.00 0.00 ? 12 DC  B H41    1 
ATOM   376 H H42    . DC  B 1 4 ? -1.237  4.468   1.297  1.00 0.00 ? 12 DC  B H42    1 
ATOM   377 H H5     . DC  B 1 4 ? -1.270  5.161   -1.105 1.00 0.00 ? 12 DC  B H5     1 
ATOM   378 H H6     . DC  B 1 4 ? 0.135   5.365   -3.136 1.00 0.00 ? 12 DC  B H6     1 
ATOM   379 P P      . DG  B 1 5 ? 3.381   3.726   -7.855 1.00 0.00 ? 13 DG  B P      1 
ATOM   380 O OP1    . DG  B 1 5 ? 4.576   3.862   -8.718 1.00 0.00 ? 13 DG  B OP1    1 
ATOM   381 O OP2    . DG  B 1 5 ? 2.047   3.953   -8.454 1.00 0.00 ? 13 DG  B OP2    1 
ATOM   382 O "O5'"  . DG  B 1 5 ? 3.378   2.254   -7.203 1.00 0.00 ? 13 DG  B "O5'"  1 
ATOM   383 C "C5'"  . DG  B 1 5 ? 4.524   1.761   -6.545 1.00 0.00 ? 13 DG  B "C5'"  1 
ATOM   384 C "C4'"  . DG  B 1 5 ? 4.279   0.376   -5.952 1.00 0.00 ? 13 DG  B "C4'"  1 
ATOM   385 O "O4'"  . DG  B 1 5 ? 3.266   0.390   -4.971 1.00 0.00 ? 13 DG  B "O4'"  1 
ATOM   386 C "C3'"  . DG  B 1 5 ? 3.833   -0.633  -7.007 1.00 0.00 ? 13 DG  B "C3'"  1 
ATOM   387 O "O3'"  . DG  B 1 5 ? 4.966   -1.287  -7.535 1.00 0.00 ? 13 DG  B "O3'"  1 
ATOM   388 C "C2'"  . DG  B 1 5 ? 2.849   -1.525  -6.256 1.00 0.00 ? 13 DG  B "C2'"  1 
ATOM   389 C "C1'"  . DG  B 1 5 ? 2.818   -0.941  -4.847 1.00 0.00 ? 13 DG  B "C1'"  1 
ATOM   390 N N9     . DG  B 1 5 ? 1.462   -1.015  -4.274 1.00 0.00 ? 13 DG  B N9     1 
ATOM   391 C C8     . DG  B 1 5 ? 0.330   -0.369  -4.701 1.00 0.00 ? 13 DG  B C8     1 
ATOM   392 N N7     . DG  B 1 5 ? -0.709  -0.568  -3.940 1.00 0.00 ? 13 DG  B N7     1 
ATOM   393 C C5     . DG  B 1 5 ? -0.246  -1.439  -2.959 1.00 0.00 ? 13 DG  B C5     1 
ATOM   394 C C6     . DG  B 1 5 ? -0.895  -2.010  -1.834 1.00 0.00 ? 13 DG  B C6     1 
ATOM   395 O O6     . DG  B 1 5 ? -2.041  -1.837  -1.428 1.00 0.00 ? 13 DG  B O6     1 
ATOM   396 N N1     . DG  B 1 5 ? -0.089  -2.867  -1.098 1.00 0.00 ? 13 DG  B N1     1 
ATOM   397 C C2     . DG  B 1 5 ? 1.219   -3.149  -1.442 1.00 0.00 ? 13 DG  B C2     1 
ATOM   398 N N2     . DG  B 1 5 ? 1.922   -3.956  -0.636 1.00 0.00 ? 13 DG  B N2     1 
ATOM   399 N N3     . DG  B 1 5 ? 1.851   -2.619  -2.496 1.00 0.00 ? 13 DG  B N3     1 
ATOM   400 C C4     . DG  B 1 5 ? 1.064   -1.767  -3.194 1.00 0.00 ? 13 DG  B C4     1 
ATOM   401 H "H5'"  . DG  B 1 5 ? 4.807   2.445   -5.745 1.00 0.00 ? 13 DG  B "H5'"  1 
ATOM   402 H "H5''" . DG  B 1 5 ? 5.351   1.697   -7.252 1.00 0.00 ? 13 DG  B "H5''" 1 
ATOM   403 H "H4'"  . DG  B 1 5 ? 5.200   0.021   -5.491 1.00 0.00 ? 13 DG  B "H4'"  1 
ATOM   404 H "H3'"  . DG  B 1 5 ? 3.281   -0.117  -7.793 1.00 0.00 ? 13 DG  B "H3'"  1 
ATOM   405 H "H2'"  . DG  B 1 5 ? 1.873   -1.497  -6.740 1.00 0.00 ? 13 DG  B "H2'"  1 
ATOM   406 H "H2''" . DG  B 1 5 ? 3.198   -2.549  -6.122 1.00 0.00 ? 13 DG  B "H2''" 1 
ATOM   407 H "H1'"  . DG  B 1 5 ? 3.502   -1.551  -4.256 1.00 0.00 ? 13 DG  B "H1'"  1 
ATOM   408 H H8     . DG  B 1 5 ? 0.382   0.231   -5.597 1.00 0.00 ? 13 DG  B H8     1 
ATOM   409 H H1     . DG  B 1 5 ? -0.464  -3.282  -0.257 1.00 0.00 ? 13 DG  B H1     1 
ATOM   410 H H21    . DG  B 1 5 ? 1.536   -4.216  0.260  1.00 0.00 ? 13 DG  B H21    1 
ATOM   411 H H22    . DG  B 1 5 ? 2.913   -4.004  -0.826 1.00 0.00 ? 13 DG  B H22    1 
ATOM   412 P P      . DT  B 1 6 ? 4.846   -2.437  -8.656 1.00 0.00 ? 14 DT  B P      1 
ATOM   413 O OP1    . DT  B 1 6 ? 6.142   -2.509  -9.369 1.00 0.00 ? 14 DT  B OP1    1 
ATOM   414 O OP2    . DT  B 1 6 ? 3.618   -2.203  -9.446 1.00 0.00 ? 14 DT  B OP2    1 
ATOM   415 O "O5'"  . DT  B 1 6 ? 4.632   -3.794  -7.816 1.00 0.00 ? 14 DT  B "O5'"  1 
ATOM   416 C "C5'"  . DT  B 1 6 ? 5.497   -4.184  -6.774 1.00 0.00 ? 14 DT  B "C5'"  1 
ATOM   417 C "C4'"  . DT  B 1 6 ? 4.905   -5.319  -5.945 1.00 0.00 ? 14 DT  B "C4'"  1 
ATOM   418 O "O4'"  . DT  B 1 6 ? 3.806   -4.833  -5.206 1.00 0.00 ? 14 DT  B "O4'"  1 
ATOM   419 C "C3'"  . DT  B 1 6 ? 4.388   -6.488  -6.779 1.00 0.00 ? 14 DT  B "C3'"  1 
ATOM   420 O "O3'"  . DT  B 1 6 ? 5.385   -7.480  -6.880 1.00 0.00 ? 14 DT  B "O3'"  1 
ATOM   421 C "C2'"  . DT  B 1 6 ? 3.114   -6.904  -6.050 1.00 0.00 ? 14 DT  B "C2'"  1 
ATOM   422 C "C1'"  . DT  B 1 6 ? 2.995   -5.938  -4.873 1.00 0.00 ? 14 DT  B "C1'"  1 
ATOM   423 N N1     . DT  B 1 6 ? 1.611   -5.489  -4.633 1.00 0.00 ? 14 DT  B N1     1 
ATOM   424 C C2     . DT  B 1 6 ? 0.978   -5.906  -3.475 1.00 0.00 ? 14 DT  B C2     1 
ATOM   425 O O2     . DT  B 1 6 ? 1.478   -6.681  -2.664 1.00 0.00 ? 14 DT  B O2     1 
ATOM   426 N N3     . DT  B 1 6 ? -0.303  -5.422  -3.254 1.00 0.00 ? 14 DT  B N3     1 
ATOM   427 C C4     . DT  B 1 6 ? -0.999  -4.593  -4.124 1.00 0.00 ? 14 DT  B C4     1 
ATOM   428 O O4     . DT  B 1 6 ? -2.125  -4.219  -3.803 1.00 0.00 ? 14 DT  B O4     1 
ATOM   429 C C5     . DT  B 1 6 ? -0.286  -4.251  -5.330 1.00 0.00 ? 14 DT  B C5     1 
ATOM   430 C C7     . DT  B 1 6 ? -0.943  -3.385  -6.380 1.00 0.00 ? 14 DT  B C7     1 
ATOM   431 C C6     . DT  B 1 6 ? 0.975   -4.688  -5.536 1.00 0.00 ? 14 DT  B C6     1 
ATOM   432 H "H5'"  . DT  B 1 6 ? 5.679   -3.343  -6.102 1.00 0.00 ? 14 DT  B "H5'"  1 
ATOM   433 H "H5''" . DT  B 1 6 ? 6.455   -4.504  -7.184 1.00 0.00 ? 14 DT  B "H5''" 1 
ATOM   434 H "H4'"  . DT  B 1 6 ? 5.662   -5.688  -5.252 1.00 0.00 ? 14 DT  B "H4'"  1 
ATOM   435 H "H3'"  . DT  B 1 6 ? 4.113   -6.137  -7.773 1.00 0.00 ? 14 DT  B "H3'"  1 
ATOM   436 H "H2'"  . DT  B 1 6 ? 2.266   -6.811  -6.729 1.00 0.00 ? 14 DT  B "H2'"  1 
ATOM   437 H "H2''" . DT  B 1 6 ? 3.168   -7.924  -5.666 1.00 0.00 ? 14 DT  B "H2''" 1 
ATOM   438 H "H1'"  . DT  B 1 6 ? 3.400   -6.435  -3.991 1.00 0.00 ? 14 DT  B "H1'"  1 
ATOM   439 H H3     . DT  B 1 6 ? -0.743  -5.706  -2.391 1.00 0.00 ? 14 DT  B H3     1 
ATOM   440 H H71    . DT  B 1 6 ? -1.424  -2.531  -5.904 1.00 0.00 ? 14 DT  B H71    1 
ATOM   441 H H72    . DT  B 1 6 ? -1.704  -3.965  -6.902 1.00 0.00 ? 14 DT  B H72    1 
ATOM   442 H H73    . DT  B 1 6 ? -0.212  -3.022  -7.102 1.00 0.00 ? 14 DT  B H73    1 
ATOM   443 H H6     . DT  B 1 6 ? 1.505   -4.402  -6.434 1.00 0.00 ? 14 DT  B H6     1 
ATOM   444 P P      . DC  B 1 7 ? 5.157   -8.881  -7.638 1.00 0.00 ? 15 DC  B P      1 
ATOM   445 O OP1    . DC  B 1 7 ? 6.495   -9.423  -7.961 1.00 0.00 ? 15 DC  B OP1    1 
ATOM   446 O OP2    . DC  B 1 7 ? 4.202   -8.679  -8.751 1.00 0.00 ? 15 DC  B OP2    1 
ATOM   447 O "O5'"  . DC  B 1 7 ? 4.440   -9.841  -6.561 1.00 0.00 ? 15 DC  B "O5'"  1 
ATOM   448 C "C5'"  . DC  B 1 7 ? 5.033   -10.112 -5.311 1.00 0.00 ? 15 DC  B "C5'"  1 
ATOM   449 C "C4'"  . DC  B 1 7 ? 4.020   -10.738 -4.356 1.00 0.00 ? 15 DC  B "C4'"  1 
ATOM   450 O "O4'"  . DC  B 1 7 ? 3.004   -9.815  -4.032 1.00 0.00 ? 15 DC  B "O4'"  1 
ATOM   451 C "C3'"  . DC  B 1 7 ? 3.352   -11.992 -4.913 1.00 0.00 ? 15 DC  B "C3'"  1 
ATOM   452 O "O3'"  . DC  B 1 7 ? 3.844   -13.096 -4.188 1.00 0.00 ? 15 DC  B "O3'"  1 
ATOM   453 C "C2'"  . DC  B 1 7 ? 1.862   -11.748 -4.688 1.00 0.00 ? 15 DC  B "C2'"  1 
ATOM   454 C "C1'"  . DC  B 1 7 ? 1.833   -10.546 -3.747 1.00 0.00 ? 15 DC  B "C1'"  1 
ATOM   455 N N1     . DC  B 1 7 ? 0.663   -9.679  -3.980 1.00 0.00 ? 15 DC  B N1     1 
ATOM   456 C C2     . DC  B 1 7 ? -0.249  -9.453  -2.966 1.00 0.00 ? 15 DC  B C2     1 
ATOM   457 O O2     . DC  B 1 7 ? -0.116  -9.948  -1.848 1.00 0.00 ? 15 DC  B O2     1 
ATOM   458 N N3     . DC  B 1 7 ? -1.361  -8.705  -3.182 1.00 0.00 ? 15 DC  B N3     1 
ATOM   459 C C4     . DC  B 1 7 ? -1.537  -8.173  -4.398 1.00 0.00 ? 15 DC  B C4     1 
ATOM   460 N N4     . DC  B 1 7 ? -2.653  -7.452  -4.571 1.00 0.00 ? 15 DC  B N4     1 
ATOM   461 C C5     . DC  B 1 7 ? -0.606  -8.369  -5.469 1.00 0.00 ? 15 DC  B C5     1 
ATOM   462 C C6     . DC  B 1 7 ? 0.483   -9.126  -5.215 1.00 0.00 ? 15 DC  B C6     1 
ATOM   463 H "H5'"  . DC  B 1 7 ? 5.387   -9.184  -4.862 1.00 0.00 ? 15 DC  B "H5'"  1 
ATOM   464 H "H5''" . DC  B 1 7 ? 5.875   -10.790 -5.444 1.00 0.00 ? 15 DC  B "H5''" 1 
ATOM   465 H "H4'"  . DC  B 1 7 ? 4.534   -11.007 -3.433 1.00 0.00 ? 15 DC  B "H4'"  1 
ATOM   466 H "H3'"  . DC  B 1 7 ? 3.538   -12.067 -5.985 1.00 0.00 ? 15 DC  B "H3'"  1 
ATOM   467 H "H2'"  . DC  B 1 7 ? 1.398   -11.519 -5.646 1.00 0.00 ? 15 DC  B "H2'"  1 
ATOM   468 H "H2''" . DC  B 1 7 ? 1.372   -12.604 -4.224 1.00 0.00 ? 15 DC  B "H2''" 1 
ATOM   469 H "H1'"  . DC  B 1 7 ? 1.864   -10.921 -2.724 1.00 0.00 ? 15 DC  B "H1'"  1 
ATOM   470 H H41    . DC  B 1 7 ? -3.295  -7.370  -3.796 1.00 0.00 ? 15 DC  B H41    1 
ATOM   471 H H42    . DC  B 1 7 ? -2.904  -7.105  -5.486 1.00 0.00 ? 15 DC  B H42    1 
ATOM   472 H H5     . DC  B 1 7 ? -0.749  -7.945  -6.452 1.00 0.00 ? 15 DC  B H5     1 
ATOM   473 H H6     . DC  B 1 7 ? 1.225   -9.321  -5.975 1.00 0.00 ? 15 DC  B H6     1 
ATOM   474 P P      . DT  B 1 8 ? 3.606   -14.622 -4.644 1.00 0.00 ? 16 DT  B P      1 
ATOM   475 O OP1    . DT  B 1 8 ? 4.601   -15.441 -3.917 1.00 0.00 ? 16 DT  B OP1    1 
ATOM   476 O OP2    . DT  B 1 8 ? 3.567   -14.676 -6.122 1.00 0.00 ? 16 DT  B OP2    1 
ATOM   477 O "O5'"  . DT  B 1 8 ? 2.137   -15.013 -4.113 1.00 0.00 ? 16 DT  B "O5'"  1 
ATOM   478 C "C5'"  . DT  B 1 8 ? 1.904   -15.226 -2.739 1.00 0.00 ? 16 DT  B "C5'"  1 
ATOM   479 C "C4'"  . DT  B 1 8 ? 0.427   -15.182 -2.356 1.00 0.00 ? 16 DT  B "C4'"  1 
ATOM   480 O "O4'"  . DT  B 1 8 ? -0.044  -13.860 -2.492 1.00 0.00 ? 16 DT  B "O4'"  1 
ATOM   481 C "C3'"  . DT  B 1 8 ? -0.549  -16.012 -3.185 1.00 0.00 ? 16 DT  B "C3'"  1 
ATOM   482 O "O3'"  . DT  B 1 8 ? -0.654  -17.378 -2.850 1.00 0.00 ? 16 DT  B "O3'"  1 
ATOM   483 C "C2'"  . DT  B 1 8 ? -1.871  -15.294 -2.925 1.00 0.00 ? 16 DT  B "C2'"  1 
ATOM   484 C "C1'"  . DT  B 1 8 ? -1.454  -13.890 -2.495 1.00 0.00 ? 16 DT  B "C1'"  1 
ATOM   485 N N1     . DT  B 1 8 ? -1.983  -12.853 -3.400 1.00 0.00 ? 16 DT  B N1     1 
ATOM   486 C C2     . DT  B 1 8 ? -3.038  -12.080 -2.952 1.00 0.00 ? 16 DT  B C2     1 
ATOM   487 O O2     . DT  B 1 8 ? -3.575  -12.213 -1.854 1.00 0.00 ? 16 DT  B O2     1 
ATOM   488 N N3     . DT  B 1 8 ? -3.530  -11.127 -3.834 1.00 0.00 ? 16 DT  B N3     1 
ATOM   489 C C4     . DT  B 1 8 ? -3.141  -10.995 -5.160 1.00 0.00 ? 16 DT  B C4     1 
ATOM   490 O O4     . DT  B 1 8 ? -3.783  -10.237 -5.882 1.00 0.00 ? 16 DT  B O4     1 
ATOM   491 C C5     . DT  B 1 8 ? -2.032  -11.836 -5.545 1.00 0.00 ? 16 DT  B C5     1 
ATOM   492 C C7     . DT  B 1 8 ? -1.484  -11.757 -6.949 1.00 0.00 ? 16 DT  B C7     1 
ATOM   493 C C6     . DT  B 1 8 ? -1.502  -12.719 -4.671 1.00 0.00 ? 16 DT  B C6     1 
ATOM   494 H "H5'"  . DT  B 1 8 ? 2.417   -14.456 -2.163 1.00 0.00 ? 16 DT  B "H5'"  1 
ATOM   495 H "H5''" . DT  B 1 8 ? 2.323   -16.190 -2.447 1.00 0.00 ? 16 DT  B "H5''" 1 
ATOM   496 H "H4'"  . DT  B 1 8 ? 0.311   -15.515 -1.325 1.00 0.00 ? 16 DT  B "H4'"  1 
ATOM   497 H "H3'"  . DT  B 1 8 ? -0.251  -15.888 -4.226 1.00 0.00 ? 16 DT  B "H3'"  1 
ATOM   498 H "HO3'" . DT  B 1 8 ? 0.217   -17.776 -2.910 1.00 0.00 ? 16 DT  B "HO3'" 1 
ATOM   499 H "H2'"  . DT  B 1 8 ? -2.486  -15.287 -3.825 1.00 0.00 ? 16 DT  B "H2'"  1 
ATOM   500 H "H2''" . DT  B 1 8 ? -2.413  -15.771 -2.109 1.00 0.00 ? 16 DT  B "H2''" 1 
ATOM   501 H "H1'"  . DT  B 1 8 ? -1.803  -13.721 -1.476 1.00 0.00 ? 16 DT  B "H1'"  1 
ATOM   502 H H3     . DT  B 1 8 ? -4.345  -10.617 -3.526 1.00 0.00 ? 16 DT  B H3     1 
ATOM   503 H H71    . DT  B 1 8 ? -0.624  -12.416 -7.076 1.00 0.00 ? 16 DT  B H71    1 
ATOM   504 H H72    . DT  B 1 8 ? -1.180  -10.734 -7.168 1.00 0.00 ? 16 DT  B H72    1 
ATOM   505 H H73    . DT  B 1 8 ? -2.261  -12.052 -7.654 1.00 0.00 ? 16 DT  B H73    1 
ATOM   506 H H6     . DT  B 1 8 ? -0.691  -13.360 -4.982 1.00 0.00 ? 16 DT  B H6     1 
HETATM 507 O O7     . RSD C 2 . ? -12.499 -2.485  -5.210 1.00 0.00 ? 17 RSD B O7     1 
HETATM 508 O O1     . RSD C 2 . ? -14.198 -3.171  -3.268 1.00 0.00 ? 17 RSD B O1     1 
HETATM 509 O O4     . RSD C 2 . ? -15.654 -0.651  -3.107 1.00 0.00 ? 17 RSD B O4     1 
HETATM 510 O O5     . RSD C 2 . ? -12.449 0.350   -4.527 1.00 0.00 ? 17 RSD B O5     1 
HETATM 511 O O2     . RSD C 2 . ? -11.031 -0.222  -2.768 1.00 0.00 ? 17 RSD B O2     1 
HETATM 512 O O12    . RSD C 2 . ? -7.420  0.163   -2.513 1.00 0.00 ? 17 RSD B O12    1 
HETATM 513 O O9     . RSD C 2 . ? -6.082  1.972   -2.538 1.00 0.00 ? 17 RSD B O9     1 
HETATM 514 O O52    . RSD C 2 . ? -11.325 1.390   -0.496 1.00 0.00 ? 17 RSD B O52    1 
HETATM 515 O O53    . RSD C 2 . ? -9.464  1.988   0.109  1.00 0.00 ? 17 RSD B O53    1 
HETATM 516 O O16    . RSD C 2 . ? -1.611  2.264   -2.218 1.00 0.00 ? 17 RSD B O16    1 
HETATM 517 O O24    . RSD C 2 . ? -0.288  -0.561  2.867  1.00 0.00 ? 17 RSD B O24    1 
HETATM 518 O O22    . RSD C 2 . ? 0.803   1.567   -1.822 1.00 0.00 ? 17 RSD B O22    1 
HETATM 519 O O28    . RSD C 2 . ? 3.094   0.529   -1.893 1.00 0.00 ? 17 RSD B O28    1 
HETATM 520 O O23    . RSD C 2 . ? -3.565  3.536   -2.023 1.00 0.00 ? 17 RSD B O23    1 
HETATM 521 O O35    . RSD C 2 . ? 4.875   -3.762  -0.787 1.00 0.00 ? 17 RSD B O35    1 
HETATM 522 O O36    . RSD C 2 . ? 6.179   -1.354  1.692  1.00 0.00 ? 17 RSD B O36    1 
HETATM 523 O O33    . RSD C 2 . ? -2.438  1.491   -4.823 1.00 0.00 ? 17 RSD B O33    1 
HETATM 524 O O50    . RSD C 2 . ? 7.291   2.091   -3.152 1.00 0.00 ? 17 RSD B O50    1 
HETATM 525 O O44    . RSD C 2 . ? 9.178   2.320   -1.214 1.00 0.00 ? 17 RSD B O44    1 
HETATM 526 O O47    . RSD C 2 . ? 10.451  -0.227  -1.638 1.00 0.00 ? 17 RSD B O47    1 
HETATM 527 O O45    . RSD C 2 . ? 7.041   -0.844  -2.774 1.00 0.00 ? 17 RSD B O45    1 
HETATM 528 O O31    . RSD C 2 . ? 5.774   -0.230  -0.878 1.00 0.00 ? 17 RSD B O31    1 
HETATM 529 N N10    . RSD C 2 . ? -10.209 1.714   -0.791 1.00 0.00 ? 17 RSD B N10    1 
HETATM 530 N N39    . RSD C 2 . ? -4.724  -0.120  -3.844 1.00 0.00 ? 17 RSD B N39    1 
HETATM 531 C C1     . RSD C 2 . ? -13.566 -1.916  -3.159 1.00 0.00 ? 17 RSD B C1     1 
HETATM 532 C C2     . RSD C 2 . ? -11.560 -0.622  -4.007 1.00 0.00 ? 17 RSD B C2     1 
HETATM 533 C C3     . RSD C 2 . ? -13.378 -1.758  -1.653 1.00 0.00 ? 17 RSD B C3     1 
HETATM 534 C C4     . RSD C 2 . ? -14.434 -0.831  -3.790 1.00 0.00 ? 17 RSD B C4     1 
HETATM 535 C C5     . RSD C 2 . ? -13.687 0.498   -3.870 1.00 0.00 ? 17 RSD B C5     1 
HETATM 536 C C6     . RSD C 2 . ? -14.459 1.555   -4.655 1.00 0.00 ? 17 RSD B C6     1 
HETATM 537 C C7     . RSD C 2 . ? -12.242 -1.986  -3.916 1.00 0.00 ? 17 RSD B C7     1 
HETATM 538 C C8     . RSD C 2 . ? -11.383 -2.875  -5.978 1.00 0.00 ? 17 RSD B C8     1 
HETATM 539 C C9     . RSD C 2 . ? -9.761  0.446   -2.801 1.00 0.00 ? 17 RSD B C9     1 
HETATM 540 C C10    . RSD C 2 . ? -9.801  1.849   -2.202 1.00 0.00 ? 17 RSD B C10    1 
HETATM 541 C C11    . RSD C 2 . ? -8.396  2.400   -2.429 1.00 0.00 ? 17 RSD B C11    1 
HETATM 542 C C12    . RSD C 2 . ? -7.264  1.483   -1.997 1.00 0.00 ? 17 RSD B C12    1 
HETATM 543 C C13    . RSD C 2 . ? -10.750 2.775   -2.959 1.00 0.00 ? 17 RSD B C13    1 
HETATM 544 C C14    . RSD C 2 . ? -8.663  -0.423  -2.194 1.00 0.00 ? 17 RSD B C14    1 
HETATM 545 C C15    . RSD C 2 . ? -8.621  -1.846  -2.744 1.00 0.00 ? 17 RSD B C15    1 
HETATM 546 C C16    . RSD C 2 . ? -1.783  1.854   -0.891 1.00 0.00 ? 17 RSD B C16    1 
HETATM 547 C C17    . RSD C 2 . ? -2.291  0.832   1.661  1.00 0.00 ? 17 RSD B C17    1 
HETATM 548 C C18    . RSD C 2 . ? -0.770  1.184   -0.196 1.00 0.00 ? 17 RSD B C18    1 
HETATM 549 C C19    . RSD C 2 . ? -3.055  1.991   -0.322 1.00 0.00 ? 17 RSD B C19    1 
HETATM 550 C C20    . RSD C 2 . ? -3.305  1.499   0.965  1.00 0.00 ? 17 RSD B C20    1 
HETATM 551 C C21    . RSD C 2 . ? -1.032  0.652   1.073  1.00 0.00 ? 17 RSD B C21    1 
HETATM 552 C C22    . RSD C 2 . ? 0.511   1.019   -0.762 1.00 0.00 ? 17 RSD B C22    1 
HETATM 553 C C23    . RSD C 2 . ? -4.157  2.590   -1.163 1.00 0.00 ? 17 RSD B C23    1 
HETATM 554 C C24    . RSD C 2 . ? -0.061  -0.117  1.744  1.00 0.00 ? 17 RSD B C24    1 
HETATM 555 C C25    . RSD C 2 . ? 1.470   0.201   -0.130 1.00 0.00 ? 17 RSD B C25    1 
HETATM 556 C C26    . RSD C 2 . ? 3.274   -1.605  1.090  1.00 0.00 ? 17 RSD B C26    1 
HETATM 557 C C27    . RSD C 2 . ? 1.167   -0.385  1.105  1.00 0.00 ? 17 RSD B C27    1 
HETATM 558 C C28    . RSD C 2 . ? 2.715   -0.074  -0.730 1.00 0.00 ? 17 RSD B C28    1 
HETATM 559 C C29    . RSD C 2 . ? 3.598   -0.994  -0.127 1.00 0.00 ? 17 RSD B C29    1 
HETATM 560 C C30    . RSD C 2 . ? 2.069   -1.265  1.714  1.00 0.00 ? 17 RSD B C30    1 
HETATM 561 C C31    . RSD C 2 . ? 4.858   -1.335  -0.884 1.00 0.00 ? 17 RSD B C31    1 
HETATM 562 C C32    . RSD C 2 . ? -2.614  2.967   -2.905 1.00 0.00 ? 17 RSD B C32    1 
HETATM 563 C C33    . RSD C 2 . ? -3.325  2.003   -3.853 1.00 0.00 ? 17 RSD B C33    1 
HETATM 564 C C34    . RSD C 2 . ? -5.181  3.411   -0.383 1.00 0.00 ? 17 RSD B C34    1 
HETATM 565 C C35    . RSD C 2 . ? 5.547   -2.595  -0.367 1.00 0.00 ? 17 RSD B C35    1 
HETATM 566 C C36    . RSD C 2 . ? 5.626   -2.536  1.156  1.00 0.00 ? 17 RSD B C36    1 
HETATM 567 C C37    . RSD C 2 . ? 4.208   -2.617  1.712  1.00 0.00 ? 17 RSD B C37    1 
HETATM 568 C C38    . RSD C 2 . ? 6.621   -3.590  1.637  1.00 0.00 ? 17 RSD B C38    1 
HETATM 569 C C39    . RSD C 2 . ? -3.989  0.883   -3.058 1.00 0.00 ? 17 RSD B C39    1 
HETATM 570 C C40    . RSD C 2 . ? -4.858  1.494   -1.962 1.00 0.00 ? 17 RSD B C40    1 
HETATM 571 C C41    . RSD C 2 . ? 5.137   -4.190  -2.106 1.00 0.00 ? 17 RSD B C41    1 
HETATM 572 C C42    . RSD C 2 . ? -3.808  -1.133  -4.393 1.00 0.00 ? 17 RSD B C42    1 
HETATM 573 C C43    . RSD C 2 . ? -5.519  0.421   -4.957 1.00 0.00 ? 17 RSD B C43    1 
HETATM 574 C C44    . RSD C 2 . ? 8.454   1.111   -1.279 1.00 0.00 ? 17 RSD B C44    1 
HETATM 575 C C45    . RSD C 2 . ? 6.294   0.167   -2.122 1.00 0.00 ? 17 RSD B C45    1 
HETATM 576 C C46    . RSD C 2 . ? 8.327   0.664   0.174  1.00 0.00 ? 17 RSD B C46    1 
HETATM 577 C C47    . RSD C 2 . ? 9.177   0.090   -2.154 1.00 0.00 ? 17 RSD B C47    1 
HETATM 578 C C48    . RSD C 2 . ? 8.330   -1.171  -2.306 1.00 0.00 ? 17 RSD B C48    1 
HETATM 579 C C49    . RSD C 2 . ? 8.937   -2.142  -3.317 1.00 0.00 ? 17 RSD B C49    1 
HETATM 580 C C50    . RSD C 2 . ? 7.106   1.443   -1.913 1.00 0.00 ? 17 RSD B C50    1 
HETATM 581 C C51    . RSD C 2 . ? 6.277   3.020   -3.465 1.00 0.00 ? 17 RSD B C51    1 
HETATM 582 H H1     . RSD C 2 . ? -13.630 -3.824  -2.855 1.00 0.00 ? 17 RSD B H1     1 
HETATM 583 H H42    . RSD C 2 . ? -16.284 -0.280  -3.730 1.00 0.00 ? 17 RSD B H42    1 
HETATM 584 H H28    . RSD C 2 . ? 2.342   1.048   -2.185 1.00 0.00 ? 17 RSD B H28    1 
HETATM 585 H H36    . RSD C 2 . ? 5.500   -0.677  1.666  1.00 0.00 ? 17 RSD B H36    1 
HETATM 586 H H332   . RSD C 2 . ? -1.725  1.023   -4.383 1.00 0.00 ? 17 RSD B H332   1 
HETATM 587 H H44    . RSD C 2 . ? 9.235   2.658   -2.111 1.00 0.00 ? 17 RSD B H44    1 
HETATM 588 H H472   . RSD C 2 . ? 10.939  0.596   -1.567 1.00 0.00 ? 17 RSD B H472   1 
HETATM 589 H H392   . RSD C 2 . ? -5.339  -0.600  -3.203 1.00 0.00 ? 17 RSD B H392   1 
HETATM 590 H H2     . RSD C 2 . ? -10.744 -0.732  -4.722 1.00 0.00 ? 17 RSD B H2     1 
HETATM 591 H H31A   . RSD C 2 . ? -14.329 -1.892  -1.138 1.00 0.00 ? 17 RSD B H31A   1 
HETATM 592 H H32A   . RSD C 2 . ? -13.000 -0.767  -1.401 1.00 0.00 ? 17 RSD B H32A   1 
HETATM 593 H H33    . RSD C 2 . ? -12.676 -2.501  -1.275 1.00 0.00 ? 17 RSD B H33    1 
HETATM 594 H H41    . RSD C 2 . ? -14.666 -1.143  -4.808 1.00 0.00 ? 17 RSD B H41    1 
HETATM 595 H H5     . RSD C 2 . ? -13.523 0.878   -2.863 1.00 0.00 ? 17 RSD B H5     1 
HETATM 596 H H61    . RSD C 2 . ? -13.854 2.456   -4.741 1.00 0.00 ? 17 RSD B H61    1 
HETATM 597 H H62    . RSD C 2 . ? -15.384 1.800   -4.130 1.00 0.00 ? 17 RSD B H62    1 
HETATM 598 H H63    . RSD C 2 . ? -14.696 1.184   -5.653 1.00 0.00 ? 17 RSD B H63    1 
HETATM 599 H H7     . RSD C 2 . ? -11.562 -2.663  -3.397 1.00 0.00 ? 17 RSD B H7     1 
HETATM 600 H H81    . RSD C 2 . ? -10.689 -3.468  -5.383 1.00 0.00 ? 17 RSD B H81    1 
HETATM 601 H H82    . RSD C 2 . ? -10.855 -2.025  -6.410 1.00 0.00 ? 17 RSD B H82    1 
HETATM 602 H H83    . RSD C 2 . ? -11.732 -3.489  -6.809 1.00 0.00 ? 17 RSD B H83    1 
HETATM 603 H H9     . RSD C 2 . ? -9.465  0.623   -3.834 1.00 0.00 ? 17 RSD B H9     1 
HETATM 604 H H112   . RSD C 2 . ? -8.172  2.540   -3.487 1.00 0.00 ? 17 RSD B H112   1 
HETATM 605 H H111   . RSD C 2 . ? -8.325  3.388   -1.974 1.00 0.00 ? 17 RSD B H111   1 
HETATM 606 H H12    . RSD C 2 . ? -7.287  1.473   -0.907 1.00 0.00 ? 17 RSD B H12    1 
HETATM 607 H H131   . RSD C 2 . ? -11.781 2.433   -2.873 1.00 0.00 ? 17 RSD B H131   1 
HETATM 608 H H132   . RSD C 2 . ? -10.495 2.813   -4.018 1.00 0.00 ? 17 RSD B H132   1 
HETATM 609 H H133   . RSD C 2 . ? -10.692 3.784   -2.552 1.00 0.00 ? 17 RSD B H133   1 
HETATM 610 H H14    . RSD C 2 . ? -8.772  -0.476  -1.111 1.00 0.00 ? 17 RSD B H14    1 
HETATM 611 H H151   . RSD C 2 . ? -8.595  -1.817  -3.833 1.00 0.00 ? 17 RSD B H151   1 
HETATM 612 H H152   . RSD C 2 . ? -7.727  -2.354  -2.379 1.00 0.00 ? 17 RSD B H152   1 
HETATM 613 H H153   . RSD C 2 . ? -9.493  -2.406  -2.407 1.00 0.00 ? 17 RSD B H153   1 
HETATM 614 H H17    . RSD C 2 . ? -2.531  0.414   2.628  1.00 0.00 ? 17 RSD B H17    1 
HETATM 615 H H20    . RSD C 2 . ? -4.281  1.562   1.423  1.00 0.00 ? 17 RSD B H20    1 
HETATM 616 H H30    . RSD C 2 . ? 1.841   -1.733  2.661  1.00 0.00 ? 17 RSD B H30    1 
HETATM 617 H H31    . RSD C 2 . ? 4.599   -1.512  -1.928 1.00 0.00 ? 17 RSD B H31    1 
HETATM 618 H H32    . RSD C 2 . ? -2.154  3.758   -3.500 1.00 0.00 ? 17 RSD B H32    1 
HETATM 619 H H331   . RSD C 2 . ? -4.093  2.589   -4.358 1.00 0.00 ? 17 RSD B H331   1 
HETATM 620 H H341   . RSD C 2 . ? -4.654  4.166   0.200  1.00 0.00 ? 17 RSD B H341   1 
HETATM 621 H H342   . RSD C 2 . ? -5.765  2.776   0.284  1.00 0.00 ? 17 RSD B H342   1 
HETATM 622 H H343   . RSD C 2 . ? -5.861  3.920   -1.066 1.00 0.00 ? 17 RSD B H343   1 
HETATM 623 H H35    . RSD C 2 . ? 6.565   -2.634  -0.754 1.00 0.00 ? 17 RSD B H35    1 
HETATM 624 H H371   . RSD C 2 . ? 4.239   -2.457  2.790  1.00 0.00 ? 17 RSD B H371   1 
HETATM 625 H H372   . RSD C 2 . ? 3.811   -3.618  1.544  1.00 0.00 ? 17 RSD B H372   1 
HETATM 626 H H381   . RSD C 2 . ? 7.578   -3.309  1.197  1.00 0.00 ? 17 RSD B H381   1 
HETATM 627 H H382   . RSD C 2 . ? 6.322   -4.583  1.302  1.00 0.00 ? 17 RSD B H382   1 
HETATM 628 H H383   . RSD C 2 . ? 6.696   -3.567  2.723  1.00 0.00 ? 17 RSD B H383   1 
HETATM 629 H H391   . RSD C 2 . ? -3.181  0.369   -2.536 1.00 0.00 ? 17 RSD B H391   1 
HETATM 630 H H40    . RSD C 2 . ? -5.117  0.693   -1.269 1.00 0.00 ? 17 RSD B H40    1 
HETATM 631 H H411   . RSD C 2 . ? 6.203   -4.360  -2.257 1.00 0.00 ? 17 RSD B H411   1 
HETATM 632 H H412   . RSD C 2 . ? 4.779   -3.479  -2.850 1.00 0.00 ? 17 RSD B H412   1 
HETATM 633 H H413   . RSD C 2 . ? 4.618   -5.135  -2.264 1.00 0.00 ? 17 RSD B H413   1 
HETATM 634 H H421   . RSD C 2 . ? -3.231  -1.581  -3.584 1.00 0.00 ? 17 RSD B H421   1 
HETATM 635 H H422   . RSD C 2 . ? -3.134  -0.667  -5.112 1.00 0.00 ? 17 RSD B H422   1 
HETATM 636 H H423   . RSD C 2 . ? -4.387  -1.907  -4.896 1.00 0.00 ? 17 RSD B H423   1 
HETATM 637 H H431   . RSD C 2 . ? -6.217  1.167   -4.579 1.00 0.00 ? 17 RSD B H431   1 
HETATM 638 H H432   . RSD C 2 . ? -6.077  -0.382  -5.437 1.00 0.00 ? 17 RSD B H432   1 
HETATM 639 H H433   . RSD C 2 . ? -4.850  0.883   -5.684 1.00 0.00 ? 17 RSD B H433   1 
HETATM 640 H H45    . RSD C 2 . ? 5.458   0.411   -2.777 1.00 0.00 ? 17 RSD B H45    1 
HETATM 641 H H461   . RSD C 2 . ? 9.312   0.593   0.635  1.00 0.00 ? 17 RSD B H461   1 
HETATM 642 H H462   . RSD C 2 . ? 7.864   -0.320  0.252  1.00 0.00 ? 17 RSD B H462   1 
HETATM 643 H H463   . RSD C 2 . ? 7.720   1.379   0.730  1.00 0.00 ? 17 RSD B H463   1 
HETATM 644 H H471   . RSD C 2 . ? 9.319   0.527   -3.142 1.00 0.00 ? 17 RSD B H471   1 
HETATM 645 H H48    . RSD C 2 . ? 8.286   -1.692  -1.350 1.00 0.00 ? 17 RSD B H48    1 
HETATM 646 H H491   . RSD C 2 . ? 9.885   -2.532  -2.945 1.00 0.00 ? 17 RSD B H491   1 
HETATM 647 H H492   . RSD C 2 . ? 9.111   -1.635  -4.266 1.00 0.00 ? 17 RSD B H492   1 
HETATM 648 H H493   . RSD C 2 . ? 8.256   -2.977  -3.477 1.00 0.00 ? 17 RSD B H493   1 
HETATM 649 H H50    . RSD C 2 . ? 6.565   2.091   -1.224 1.00 0.00 ? 17 RSD B H50    1 
HETATM 650 H H511   . RSD C 2 . ? 6.248   3.813   -2.718 1.00 0.00 ? 17 RSD B H511   1 
HETATM 651 H H512   . RSD C 2 . ? 5.295   2.549   -3.511 1.00 0.00 ? 17 RSD B H512   1 
HETATM 652 H H513   . RSD C 2 . ? 6.496   3.473   -4.431 1.00 0.00 ? 17 RSD B H513   1 
# 
